data_9LA9
#
_entry.id   9LA9
#
_cell.length_a   1.00
_cell.length_b   1.00
_cell.length_c   1.00
_cell.angle_alpha   90.00
_cell.angle_beta   90.00
_cell.angle_gamma   90.00
#
_symmetry.space_group_name_H-M   'P 1'
#
loop_
_entity.id
_entity.type
_entity.pdbx_description
1 polymer 'Protein unc-13 homolog D'
2 polymer 'Ras-related protein Rab-27A'
3 non-polymer 'PHOSPHOAMINOPHOSPHONIC ACID-GUANYLATE ESTER'
#
loop_
_entity_poly.entity_id
_entity_poly.type
_entity_poly.pdbx_seq_one_letter_code
_entity_poly.pdbx_strand_id
1 'polypeptide(L)'
;MSYYHHHHHHDYDIPTTENLYFQGAMGSMATLLSHPQQRPPFLRQAIKIRRRRVRDLQDPPPQMAPEIQPPSHHFSPEQR
ALLYEDALYTVLHRLGHPEPNHVTEASELLRYLQEAFHVEPEEHQQTLQRVRELEKPIFCLKATVKQAKGILGKDVSGFS
DPYCLLGIEQGVGVPGGSPGSRHRQKAVVRHTIPEEETHRTQVITQTLNPVWDETFILEFEDITNASFHLDMWDLDTVES
VRQKLGELTDLHGLRRIFKEARKDKGQDDFLGNVVLRLQDLRCREDQWYPLEPRTETYPDRGQCHLQFQLIHKRRATSAS
RSQPSYTVHLHLLQQLVSHEVTQHEAGSTSWDGSLSPQAATVLFLHATQKDLSDFHQSMAQWLAYSRLYQSLEFPSSCLL
HPITSIEYQWIQGRLKAEQQEELAASFSSLLTYGLSLIRRFRSVFPLSVSDSPARLQSLLRVLVQMCKMKAFGELCPNTA
PLPQLVTEALQTGTTEWFHLKQQHHQPMVQGIPEAGKALLGLVQDVIGDLHQCQRTWDKIFHNTLKIHLFSMAFRELQWL
VAKRVQDHTTVVGDVVSPEMGESLFQLYISLKELCQLRMSSSERDGVLALDNFHRWFQPAIPSWLQKTYNEALARVQRAV
QMDELVPLGELTKHSTSAVDLSTCFAQISHTARQLDWPDPEEAFMITVKFVEDTCRLALVYCSLIKARARELSSGQKDQG
QAANMLCVVVNDMEQLRLVIGKLPAQLAWEALEQRVGAVLEQGQLQNTLHAQLQSALAGLGHEIRTGVRTLAEQLEVGIA
KHIQKLVGVRESVLPEDAILPLMKFLEVELCYMNTNLVQENFSSLLTLLWTHTLTVLVEAAASQRSSSLASNRLKIALQN
LEICFHAEGCGLPPKALHTATFQALQRDLELQAASSRELIRKYFCSRIQQQAETTSEELGAVTVKASYRASEQKLRVELL
SASSLLPLDSNGSSDPFVQLTLEPRHEFPELAARETQKHKKDLHPLFDETFEFLVPAEPCRKAGACLLLTVLDYDTLGAD
DLEGEAFLPLREVPGLSGSEEPGEVPQTRLPLTYPAPNGDPILQLLEGRKGDREAQVFVRLRRHRAKQASQHALRPAP
;
A
2 'polypeptide(L)'
;MGSSHHHHHHSSGLVPRGSHMASMTGGQQMGRGSMSDGDYDYLIKFLALGDSGVGKTSVLYQYTDGKFNSKFITTVGIDF
REKRVVYRASGPDGATGRGQRIHLQLWDTAGQERFRSLTTAFFRDAMGFLLLFDLTNEQSFLNVRNWISQLQMHAYCENP
DIVLCGNKSDLEDQRVVKEEEAIALAEKYGIPYFETSAANGTNISQAIEMLLDLIMKRMERCVDKSWIPEGVVRSNGHAS
TDQLSEEKEKGACGCLEHHHHHH
;
B
#
# COMPACT_ATOMS: atom_id res chain seq x y z
N PRO A 77 -46.11 49.82 14.14
CA PRO A 77 -47.29 50.62 13.81
C PRO A 77 -47.55 51.74 14.81
N GLU A 78 -48.81 52.13 14.97
CA GLU A 78 -49.18 53.18 15.91
C GLU A 78 -49.04 52.75 17.37
N GLN A 79 -49.08 51.43 17.64
CA GLN A 79 -48.93 50.93 19.00
C GLN A 79 -47.59 51.34 19.60
N ARG A 80 -46.56 51.42 18.76
CA ARG A 80 -45.23 51.88 19.18
C ARG A 80 -45.28 53.26 19.82
N ALA A 81 -46.24 54.10 19.41
CA ALA A 81 -46.47 55.34 20.13
C ALA A 81 -47.21 55.09 21.44
N LEU A 82 -48.35 54.39 21.37
CA LEU A 82 -49.25 54.30 22.52
C LEU A 82 -48.61 53.52 23.67
N LEU A 83 -47.95 52.39 23.35
CA LEU A 83 -47.16 51.66 24.35
C LEU A 83 -46.13 52.57 24.99
N TYR A 84 -45.48 53.41 24.17
CA TYR A 84 -44.55 54.43 24.65
C TYR A 84 -45.18 55.26 25.76
N GLU A 85 -46.40 55.74 25.51
CA GLU A 85 -47.09 56.56 26.51
C GLU A 85 -47.31 55.79 27.81
N ASP A 86 -47.67 54.50 27.68
CA ASP A 86 -47.87 53.67 28.85
C ASP A 86 -46.61 53.59 29.70
N ALA A 87 -45.45 53.56 29.03
CA ALA A 87 -44.17 53.54 29.74
C ALA A 87 -44.04 54.75 30.64
N LEU A 88 -44.37 55.95 30.14
CA LEU A 88 -44.32 57.14 30.98
C LEU A 88 -45.28 57.02 32.15
N TYR A 89 -46.48 56.48 31.89
CA TYR A 89 -47.49 56.41 32.94
C TYR A 89 -47.12 55.35 33.97
N THR A 90 -46.11 54.54 33.67
CA THR A 90 -45.61 53.58 34.63
C THR A 90 -44.23 53.93 35.18
N VAL A 91 -43.64 55.07 34.80
CA VAL A 91 -42.25 55.31 35.20
C VAL A 91 -42.04 56.63 35.94
N LEU A 92 -42.88 57.64 35.72
CA LEU A 92 -42.79 58.84 36.56
C LEU A 92 -43.59 58.71 37.84
N HIS A 93 -44.36 57.62 38.00
CA HIS A 93 -44.96 57.27 39.28
C HIS A 93 -44.09 56.31 40.09
N ARG A 94 -42.80 56.25 39.78
CA ARG A 94 -41.86 55.39 40.50
C ARG A 94 -41.50 56.09 41.81
N LEU A 95 -41.77 55.42 42.92
CA LEU A 95 -41.62 56.00 44.24
C LEU A 95 -40.77 55.10 45.14
N GLY A 96 -39.91 55.72 45.93
CA GLY A 96 -39.06 54.98 46.84
C GLY A 96 -37.59 55.13 46.53
N HIS A 97 -36.76 54.99 47.56
CA HIS A 97 -35.32 55.04 47.39
C HIS A 97 -34.83 53.80 46.65
N PRO A 98 -33.69 53.90 45.94
CA PRO A 98 -33.25 52.79 45.08
C PRO A 98 -32.97 51.51 45.84
N GLU A 99 -33.33 50.39 45.21
CA GLU A 99 -33.11 49.02 45.64
C GLU A 99 -31.68 48.60 45.31
N PRO A 100 -31.19 47.48 45.89
CA PRO A 100 -29.91 46.94 45.43
C PRO A 100 -29.92 46.49 43.97
N ASN A 101 -31.11 46.22 43.42
CA ASN A 101 -31.25 45.84 42.03
C ASN A 101 -32.09 46.80 41.19
N HIS A 102 -32.61 47.88 41.78
CA HIS A 102 -33.41 48.86 41.05
C HIS A 102 -32.91 50.27 41.35
N VAL A 103 -33.07 51.16 40.38
CA VAL A 103 -32.52 52.51 40.44
C VAL A 103 -33.67 53.51 40.41
N THR A 104 -33.51 54.62 41.14
CA THR A 104 -34.48 55.71 41.20
C THR A 104 -33.82 56.98 40.69
N GLU A 105 -33.91 57.20 39.38
CA GLU A 105 -33.53 58.47 38.75
C GLU A 105 -34.20 58.54 37.40
N ALA A 106 -34.99 59.59 37.17
CA ALA A 106 -35.82 59.65 35.98
C ALA A 106 -35.04 60.00 34.72
N SER A 107 -34.03 60.87 34.84
CA SER A 107 -33.39 61.44 33.64
C SER A 107 -32.62 60.39 32.86
N GLU A 108 -31.89 59.51 33.55
CA GLU A 108 -31.08 58.51 32.86
C GLU A 108 -31.94 57.48 32.15
N LEU A 109 -33.00 56.99 32.82
CA LEU A 109 -33.89 56.04 32.17
C LEU A 109 -34.66 56.69 31.03
N LEU A 110 -35.02 57.98 31.17
CA LEU A 110 -35.71 58.67 30.09
C LEU A 110 -34.82 58.83 28.88
N ARG A 111 -33.55 59.22 29.08
CA ARG A 111 -32.67 59.37 27.93
C ARG A 111 -32.31 58.03 27.29
N TYR A 112 -32.20 56.96 28.10
CA TYR A 112 -31.94 55.65 27.53
C TYR A 112 -33.16 55.14 26.77
N LEU A 113 -34.36 55.40 27.27
CA LEU A 113 -35.58 55.00 26.60
C LEU A 113 -35.79 55.78 25.31
N GLN A 114 -35.41 57.06 25.28
CA GLN A 114 -35.45 57.83 24.05
C GLN A 114 -34.42 57.35 23.03
N GLU A 115 -33.23 56.97 23.51
CA GLU A 115 -32.23 56.39 22.62
C GLU A 115 -32.68 55.05 22.04
N ALA A 116 -33.33 54.22 22.85
CA ALA A 116 -33.77 52.92 22.39
C ALA A 116 -34.99 53.04 21.47
N PHE A 117 -35.92 53.95 21.78
CA PHE A 117 -37.12 54.09 20.97
C PHE A 117 -36.87 54.86 19.68
N HIS A 118 -35.67 55.44 19.51
CA HIS A 118 -35.33 56.31 18.38
C HIS A 118 -36.30 57.48 18.27
N VAL A 119 -36.59 58.10 19.41
CA VAL A 119 -37.55 59.20 19.50
C VAL A 119 -36.81 60.45 19.94
N GLU A 120 -36.95 61.52 19.18
CA GLU A 120 -36.39 62.86 19.32
C GLU A 120 -37.02 63.56 20.52
N PRO A 121 -36.25 64.35 21.27
CA PRO A 121 -36.73 64.84 22.58
C PRO A 121 -37.96 65.74 22.55
N GLU A 122 -38.30 66.37 21.43
CA GLU A 122 -39.52 67.18 21.39
C GLU A 122 -40.78 66.31 21.52
N GLU A 123 -40.77 65.14 20.86
CA GLU A 123 -41.87 64.21 21.04
C GLU A 123 -41.90 63.65 22.45
N HIS A 124 -40.72 63.50 23.08
CA HIS A 124 -40.66 63.09 24.48
C HIS A 124 -41.30 64.14 25.39
N GLN A 125 -41.03 65.42 25.13
CA GLN A 125 -41.63 66.49 25.92
C GLN A 125 -43.13 66.57 25.68
N GLN A 126 -43.56 66.36 24.44
CA GLN A 126 -45.00 66.34 24.14
C GLN A 126 -45.70 65.19 24.86
N THR A 127 -45.08 64.01 24.89
CA THR A 127 -45.66 62.88 25.61
C THR A 127 -45.64 63.08 27.12
N LEU A 128 -44.60 63.74 27.64
CA LEU A 128 -44.58 64.06 29.07
C LEU A 128 -45.67 65.05 29.42
N GLN A 129 -45.94 66.01 28.53
CA GLN A 129 -47.07 66.92 28.73
C GLN A 129 -48.40 66.17 28.68
N ARG A 130 -48.52 65.24 27.74
CA ARG A 130 -49.74 64.44 27.61
C ARG A 130 -49.92 63.44 28.75
N VAL A 131 -48.87 63.12 29.49
CA VAL A 131 -48.97 62.20 30.62
C VAL A 131 -49.07 62.96 31.94
N ARG A 132 -48.71 64.25 31.97
CA ARG A 132 -49.02 65.04 33.15
C ARG A 132 -50.53 65.31 33.25
N GLU A 133 -51.20 65.50 32.11
CA GLU A 133 -52.61 65.86 32.14
C GLU A 133 -53.49 64.69 32.57
N LEU A 134 -53.02 63.46 32.39
CA LEU A 134 -53.73 62.30 32.91
C LEU A 134 -53.70 62.31 34.43
N GLU A 135 -54.82 61.94 35.03
CA GLU A 135 -54.94 61.99 36.49
C GLU A 135 -54.06 60.92 37.13
N LYS A 136 -53.49 61.27 38.29
CA LYS A 136 -52.55 60.40 38.98
C LYS A 136 -53.31 59.25 39.64
N PRO A 137 -52.82 58.02 39.54
CA PRO A 137 -53.51 56.90 40.19
C PRO A 137 -53.39 56.99 41.71
N ILE A 138 -54.48 56.63 42.39
CA ILE A 138 -54.50 56.63 43.86
C ILE A 138 -53.66 55.45 44.33
N PHE A 139 -52.57 55.75 45.03
CA PHE A 139 -51.64 54.72 45.43
C PHE A 139 -52.19 53.90 46.60
N CYS A 140 -51.71 52.66 46.71
CA CYS A 140 -52.13 51.78 47.78
C CYS A 140 -51.01 50.81 48.09
N LEU A 141 -51.13 50.12 49.21
CA LEU A 141 -50.12 49.18 49.67
C LEU A 141 -50.70 47.77 49.69
N LYS A 142 -50.00 46.84 49.03
CA LYS A 142 -50.40 45.43 49.00
C LYS A 142 -49.87 44.78 50.27
N ALA A 143 -50.62 44.96 51.36
CA ALA A 143 -50.19 44.54 52.70
C ALA A 143 -50.32 43.02 52.81
N THR A 144 -49.20 42.32 52.59
CA THR A 144 -49.14 40.87 52.78
C THR A 144 -48.47 40.59 54.11
N VAL A 145 -49.28 40.26 55.12
CA VAL A 145 -48.81 40.00 56.47
C VAL A 145 -48.91 38.51 56.75
N LYS A 146 -47.84 37.94 57.29
CA LYS A 146 -47.75 36.52 57.58
C LYS A 146 -47.69 36.30 59.09
N GLN A 147 -47.45 35.05 59.48
CA GLN A 147 -47.54 34.62 60.86
C GLN A 147 -46.44 35.25 61.73
N ALA A 148 -46.70 35.30 63.03
CA ALA A 148 -45.82 35.91 64.01
C ALA A 148 -45.40 34.88 65.05
N LYS A 149 -44.10 34.89 65.38
CA LYS A 149 -43.55 33.96 66.35
C LYS A 149 -42.56 34.68 67.24
N GLY A 150 -42.03 33.96 68.22
CA GLY A 150 -41.02 34.49 69.12
C GLY A 150 -41.53 35.35 70.25
N ILE A 151 -42.84 35.52 70.38
CA ILE A 151 -43.40 36.35 71.45
C ILE A 151 -43.25 35.64 72.80
N LEU A 152 -42.80 36.38 73.80
CA LEU A 152 -42.65 35.84 75.14
C LEU A 152 -44.01 35.49 75.73
N GLY A 153 -44.03 34.45 76.56
CA GLY A 153 -45.29 33.97 77.13
C GLY A 153 -45.67 34.66 78.42
N LYS A 154 -46.56 35.65 78.33
CA LYS A 154 -47.14 36.31 79.48
C LYS A 154 -48.65 36.18 79.52
N ASP A 155 -49.26 35.55 78.51
CA ASP A 155 -50.69 35.35 78.46
C ASP A 155 -51.05 34.04 79.15
N VAL A 156 -52.29 33.57 78.95
CA VAL A 156 -52.65 32.23 79.35
C VAL A 156 -51.82 31.23 78.54
N SER A 157 -51.42 30.14 79.20
CA SER A 157 -50.60 29.11 78.55
C SER A 157 -51.33 28.46 77.38
N GLY A 158 -50.85 28.73 76.17
CA GLY A 158 -51.53 28.28 74.97
C GLY A 158 -52.65 29.23 74.56
N PHE A 159 -53.24 28.90 73.40
CA PHE A 159 -54.37 29.65 72.82
C PHE A 159 -54.01 31.12 72.57
N SER A 160 -52.78 31.37 72.15
CA SER A 160 -52.30 32.72 71.89
C SER A 160 -52.61 33.07 70.43
N ASP A 161 -53.65 33.87 70.22
CA ASP A 161 -54.08 34.25 68.87
C ASP A 161 -54.32 35.75 68.75
N PRO A 162 -53.24 36.53 68.64
CA PRO A 162 -53.40 37.99 68.46
C PRO A 162 -53.95 38.32 67.09
N TYR A 163 -54.48 39.54 66.98
CA TYR A 163 -55.04 40.03 65.72
C TYR A 163 -54.29 41.27 65.28
N CYS A 164 -54.18 41.45 63.97
CA CYS A 164 -53.39 42.51 63.37
C CYS A 164 -54.29 43.68 62.96
N LEU A 165 -53.80 44.89 63.20
CA LEU A 165 -54.51 46.12 62.83
C LEU A 165 -53.66 46.87 61.81
N LEU A 166 -53.87 46.56 60.53
CA LEU A 166 -53.16 47.24 59.45
C LEU A 166 -53.69 48.65 59.28
N GLY A 167 -52.79 49.61 59.10
CA GLY A 167 -53.19 50.99 58.89
C GLY A 167 -52.02 51.83 58.43
N ILE A 168 -52.35 52.88 57.68
CA ILE A 168 -51.36 53.83 57.18
C ILE A 168 -51.85 55.23 57.50
N GLU A 169 -51.02 55.99 58.23
CA GLU A 169 -51.33 57.38 58.55
C GLU A 169 -50.25 58.28 57.97
N GLN A 170 -50.67 59.44 57.50
CA GLN A 170 -49.77 60.38 56.83
C GLN A 170 -49.13 61.35 57.80
N GLU A 195 -62.47 47.88 55.96
CA GLU A 195 -63.37 49.04 56.02
C GLU A 195 -62.82 50.19 55.20
N GLU A 196 -62.32 51.22 55.88
CA GLU A 196 -61.70 52.36 55.23
C GLU A 196 -60.19 52.24 55.16
N GLU A 197 -59.53 52.10 56.31
CA GLU A 197 -58.10 51.84 56.35
C GLU A 197 -57.72 50.85 57.44
N THR A 198 -58.70 50.29 58.16
CA THR A 198 -58.45 49.36 59.24
C THR A 198 -59.15 48.04 58.96
N HIS A 199 -58.58 46.97 59.50
CA HIS A 199 -59.13 45.62 59.34
C HIS A 199 -58.63 44.76 60.50
N ARG A 200 -59.49 43.84 60.94
CA ARG A 200 -59.14 42.91 62.00
C ARG A 200 -59.36 41.49 61.50
N THR A 201 -58.27 40.76 61.30
CA THR A 201 -58.33 39.37 60.90
C THR A 201 -58.90 38.52 62.04
N GLN A 202 -59.80 37.61 61.69
CA GLN A 202 -60.40 36.72 62.68
C GLN A 202 -59.36 35.78 63.28
N VAL A 203 -59.59 35.38 64.52
CA VAL A 203 -58.60 34.63 65.29
C VAL A 203 -58.91 33.14 65.20
N ILE A 204 -57.87 32.32 65.27
CA ILE A 204 -57.98 30.87 65.22
C ILE A 204 -57.36 30.31 66.49
N THR A 205 -58.11 29.47 67.20
CA THR A 205 -57.62 28.89 68.45
C THR A 205 -56.75 27.68 68.18
N GLN A 206 -56.07 27.23 69.23
CA GLN A 206 -55.13 26.10 69.21
C GLN A 206 -54.03 26.31 68.17
N THR A 207 -53.61 27.57 68.03
CA THR A 207 -52.50 27.93 67.16
C THR A 207 -51.56 28.86 67.92
N LEU A 208 -50.26 28.71 67.64
CA LEU A 208 -49.32 29.74 68.06
C LEU A 208 -49.58 31.04 67.31
N ASN A 209 -49.99 30.95 66.05
CA ASN A 209 -50.30 32.10 65.22
C ASN A 209 -51.25 31.69 64.10
N PRO A 210 -52.17 32.56 63.68
CA PRO A 210 -53.06 32.22 62.57
C PRO A 210 -52.33 32.26 61.24
N VAL A 211 -52.58 31.26 60.41
CA VAL A 211 -52.02 31.19 59.05
C VAL A 211 -53.19 31.24 58.09
N TRP A 212 -53.33 32.36 57.38
CA TRP A 212 -54.41 32.56 56.42
C TRP A 212 -53.98 33.04 55.05
N ASP A 213 -52.89 33.83 54.95
CA ASP A 213 -52.26 34.21 53.68
C ASP A 213 -53.21 34.94 52.74
N GLU A 214 -53.79 36.04 53.23
CA GLU A 214 -54.61 36.92 52.41
C GLU A 214 -54.08 38.35 52.52
N THR A 215 -54.52 39.19 51.58
CA THR A 215 -53.94 40.52 51.43
C THR A 215 -55.04 41.51 51.06
N PHE A 216 -55.07 42.63 51.78
CA PHE A 216 -56.03 43.70 51.51
C PHE A 216 -55.31 45.02 51.26
N ILE A 217 -55.71 45.75 50.22
CA ILE A 217 -55.01 46.98 49.86
C ILE A 217 -55.33 48.08 50.87
N LEU A 218 -54.41 49.02 51.02
CA LEU A 218 -54.56 50.14 51.94
C LEU A 218 -54.18 51.42 51.18
N GLU A 219 -55.18 52.23 50.84
CA GLU A 219 -54.97 53.42 50.03
C GLU A 219 -54.23 54.49 50.82
N PHE A 220 -53.16 55.02 50.25
CA PHE A 220 -52.37 56.09 50.84
C PHE A 220 -52.03 57.11 49.76
N GLU A 221 -51.37 58.21 50.16
CA GLU A 221 -51.05 59.28 49.23
C GLU A 221 -49.55 59.52 49.10
N ASP A 222 -48.82 59.63 50.20
CA ASP A 222 -47.40 59.97 50.18
C ASP A 222 -46.56 58.87 50.79
N ILE A 223 -45.33 58.73 50.31
CA ILE A 223 -44.44 57.66 50.76
C ILE A 223 -43.42 58.17 51.78
N THR A 224 -42.85 59.36 51.56
CA THR A 224 -41.83 59.88 52.46
C THR A 224 -42.41 60.49 53.72
N ASN A 225 -43.70 60.83 53.73
CA ASN A 225 -44.32 61.47 54.87
C ASN A 225 -45.13 60.52 55.74
N ALA A 226 -45.45 59.33 55.24
CA ALA A 226 -46.28 58.37 55.95
C ALA A 226 -45.43 57.29 56.61
N SER A 227 -45.90 56.83 57.77
CA SER A 227 -45.24 55.76 58.52
C SER A 227 -46.15 54.54 58.58
N PHE A 228 -45.54 53.36 58.48
CA PHE A 228 -46.29 52.12 58.56
C PHE A 228 -46.76 51.88 59.99
N HIS A 229 -48.01 51.43 60.13
CA HIS A 229 -48.61 51.21 61.44
C HIS A 229 -49.27 49.83 61.47
N LEU A 230 -48.86 49.01 62.44
CA LEU A 230 -49.39 47.67 62.58
C LEU A 230 -49.12 47.20 64.01
N ASP A 231 -50.18 46.87 64.74
CA ASP A 231 -50.07 46.53 66.15
C ASP A 231 -50.73 45.19 66.42
N MET A 232 -50.25 44.53 67.48
CA MET A 232 -50.76 43.24 67.93
C MET A 232 -51.50 43.41 69.25
N TRP A 233 -52.57 42.64 69.44
CA TRP A 233 -53.29 42.58 70.70
C TRP A 233 -53.70 41.12 70.93
N ASP A 234 -53.03 40.46 71.87
CA ASP A 234 -53.23 39.04 72.11
C ASP A 234 -54.38 38.87 73.10
N LEU A 235 -55.55 38.51 72.58
CA LEU A 235 -56.68 38.21 73.45
C LEU A 235 -56.45 36.88 74.17
N ASP A 236 -56.97 36.79 75.39
CA ASP A 236 -56.79 35.62 76.24
C ASP A 236 -58.14 34.94 76.44
N THR A 237 -58.17 33.62 76.22
CA THR A 237 -59.40 32.86 76.39
C THR A 237 -59.52 32.32 77.80
N GLN A 267 -58.10 39.33 79.51
CA GLN A 267 -57.26 40.46 79.89
C GLN A 267 -56.79 41.22 78.66
N ASP A 268 -56.53 40.47 77.57
CA ASP A 268 -56.09 40.99 76.28
C ASP A 268 -54.80 41.79 76.41
N ASP A 269 -53.73 41.07 76.78
CA ASP A 269 -52.43 41.69 76.98
C ASP A 269 -51.87 42.26 75.68
N PHE A 270 -51.25 43.43 75.79
CA PHE A 270 -50.70 44.12 74.63
C PHE A 270 -49.39 43.46 74.18
N LEU A 271 -49.11 43.57 72.88
CA LEU A 271 -47.84 43.12 72.33
C LEU A 271 -47.16 44.27 71.59
N GLY A 272 -46.09 43.98 70.87
CA GLY A 272 -45.33 44.99 70.17
C GLY A 272 -45.97 45.43 68.87
N ASN A 273 -45.31 46.40 68.22
CA ASN A 273 -45.80 46.95 66.97
C ASN A 273 -44.63 47.18 66.03
N VAL A 274 -44.92 47.27 64.73
CA VAL A 274 -43.92 47.54 63.72
C VAL A 274 -44.22 48.91 63.12
N VAL A 275 -43.27 49.84 63.28
CA VAL A 275 -43.40 51.18 62.74
C VAL A 275 -42.13 51.50 61.95
N LEU A 276 -42.30 51.77 60.66
CA LEU A 276 -41.18 52.13 59.79
C LEU A 276 -41.67 53.12 58.75
N ARG A 277 -40.75 53.98 58.29
CA ARG A 277 -41.06 54.90 57.21
C ARG A 277 -41.16 54.14 55.90
N LEU A 278 -42.07 54.59 55.02
CA LEU A 278 -42.33 53.88 53.78
C LEU A 278 -41.26 54.14 52.72
N GLN A 279 -40.30 55.04 52.97
CA GLN A 279 -39.28 55.35 51.96
C GLN A 279 -38.37 54.15 51.70
N ASP A 280 -38.16 53.30 52.72
CA ASP A 280 -37.44 52.06 52.53
C ASP A 280 -38.34 50.91 52.14
N LEU A 281 -39.64 51.15 52.00
CA LEU A 281 -40.59 50.12 51.59
C LEU A 281 -40.70 50.12 50.07
N ARG A 282 -40.36 48.99 49.46
CA ARG A 282 -40.41 48.83 48.00
C ARG A 282 -41.25 47.61 47.66
N CYS A 283 -41.18 47.17 46.41
CA CYS A 283 -41.75 45.88 46.04
C CYS A 283 -40.74 44.77 46.28
N ARG A 284 -41.26 43.56 46.47
CA ARG A 284 -40.48 42.35 46.80
C ARG A 284 -39.67 42.56 48.09
N GLU A 285 -40.39 42.79 49.18
CA GLU A 285 -39.78 43.10 50.47
C GLU A 285 -40.28 42.14 51.55
N ASP A 286 -40.14 40.83 51.30
CA ASP A 286 -40.35 39.86 52.37
C ASP A 286 -39.16 39.87 53.33
N GLN A 287 -39.46 39.91 54.62
CA GLN A 287 -38.43 39.97 55.66
C GLN A 287 -39.08 39.68 57.01
N TRP A 288 -38.23 39.33 57.97
CA TRP A 288 -38.65 39.12 59.36
C TRP A 288 -38.39 40.42 60.13
N TYR A 289 -39.47 41.13 60.49
CA TYR A 289 -39.31 42.38 61.22
C TYR A 289 -39.63 42.19 62.70
N PRO A 290 -38.90 42.85 63.59
CA PRO A 290 -39.20 42.75 65.02
C PRO A 290 -40.27 43.74 65.47
N LEU A 291 -41.07 43.31 66.44
CA LEU A 291 -42.08 44.17 67.00
C LEU A 291 -41.47 45.09 68.06
N GLU A 292 -41.63 46.40 67.88
CA GLU A 292 -41.06 47.38 68.80
C GLU A 292 -41.80 47.35 70.13
N PRO A 293 -41.08 47.27 71.25
CA PRO A 293 -41.74 47.26 72.56
C PRO A 293 -42.39 48.60 72.88
N ARG A 294 -43.61 48.54 73.39
CA ARG A 294 -44.33 49.74 73.78
C ARG A 294 -44.10 50.11 75.25
N THR A 295 -43.92 49.13 76.12
CA THR A 295 -43.55 49.35 77.50
C THR A 295 -42.25 48.62 77.81
N GLU A 296 -41.52 49.13 78.79
CA GLU A 296 -40.21 48.59 79.13
C GLU A 296 -40.28 47.44 80.12
N THR A 297 -41.47 47.06 80.58
CA THR A 297 -41.61 45.94 81.50
C THR A 297 -41.38 44.60 80.80
N TYR A 298 -41.58 44.53 79.49
CA TYR A 298 -41.28 43.33 78.71
C TYR A 298 -40.35 43.72 77.57
N PRO A 299 -39.10 43.25 77.57
CA PRO A 299 -38.15 43.74 76.56
C PRO A 299 -38.40 43.20 75.16
N ASP A 300 -38.70 41.92 75.03
CA ASP A 300 -38.86 41.28 73.72
C ASP A 300 -40.32 41.12 73.38
N ARG A 301 -40.63 41.33 72.10
CA ARG A 301 -41.99 41.18 71.58
C ARG A 301 -42.07 40.17 70.44
N GLY A 302 -40.95 39.58 70.03
CA GLY A 302 -40.95 38.59 68.98
C GLY A 302 -40.68 39.17 67.61
N GLN A 303 -40.47 38.27 66.65
CA GLN A 303 -40.17 38.61 65.26
C GLN A 303 -41.24 38.03 64.37
N CYS A 304 -41.84 38.87 63.54
CA CYS A 304 -42.94 38.46 62.66
C CYS A 304 -42.51 38.56 61.21
N HIS A 305 -42.85 37.55 60.42
CA HIS A 305 -42.56 37.55 58.99
C HIS A 305 -43.60 38.35 58.23
N LEU A 306 -43.14 39.22 57.33
CA LEU A 306 -44.03 40.04 56.54
C LEU A 306 -43.51 40.10 55.11
N GLN A 307 -44.38 40.55 54.22
CA GLN A 307 -44.07 40.69 52.80
C GLN A 307 -44.60 42.03 52.34
N PHE A 308 -43.71 42.99 52.07
CA PHE A 308 -44.10 44.33 51.68
C PHE A 308 -44.02 44.48 50.17
N GLN A 309 -45.15 44.85 49.57
CA GLN A 309 -45.30 45.23 48.16
C GLN A 309 -45.82 46.66 48.13
N LEU A 310 -46.01 47.21 46.93
CA LEU A 310 -46.88 48.38 46.75
C LEU A 310 -47.35 48.42 45.31
N ILE A 311 -48.67 48.45 45.13
CA ILE A 311 -49.28 48.39 43.80
C ILE A 311 -50.09 49.67 43.57
N HIS A 312 -50.48 49.86 42.31
CA HIS A 312 -51.36 50.97 41.93
C HIS A 312 -52.81 50.48 41.87
N LYS A 313 -53.74 51.42 41.96
CA LYS A 313 -55.14 51.11 41.79
C LYS A 313 -55.49 51.01 40.31
N ARG A 314 -56.79 51.03 40.01
CA ARG A 314 -57.26 51.05 38.63
C ARG A 314 -56.82 52.35 37.96
N ARG A 315 -55.83 52.25 37.08
CA ARG A 315 -55.14 53.42 36.56
C ARG A 315 -55.99 54.08 35.46
N ALA A 316 -55.49 55.20 34.92
CA ALA A 316 -56.28 56.03 34.02
C ALA A 316 -55.79 56.05 32.59
N THR A 317 -54.69 55.36 32.27
CA THR A 317 -54.21 55.35 30.90
C THR A 317 -55.12 54.51 30.01
N SER A 318 -55.30 54.96 28.77
CA SER A 318 -56.08 54.18 27.81
C SER A 318 -55.29 53.02 27.25
N ALA A 319 -53.95 53.09 27.33
CA ALA A 319 -53.10 52.05 26.75
C ALA A 319 -53.26 50.73 27.49
N SER A 320 -53.32 50.77 28.82
CA SER A 320 -53.44 49.54 29.61
C SER A 320 -54.87 49.18 29.94
N ARG A 321 -55.85 50.00 29.53
CA ARG A 321 -57.24 49.73 29.82
C ARG A 321 -58.08 49.41 28.59
N SER A 322 -57.67 49.87 27.40
CA SER A 322 -58.34 49.43 26.17
C SER A 322 -58.01 47.97 25.86
N GLN A 323 -56.78 47.56 26.14
CA GLN A 323 -56.29 46.20 26.02
C GLN A 323 -56.12 45.59 27.41
N PRO A 324 -56.14 44.25 27.52
CA PRO A 324 -55.83 43.62 28.81
C PRO A 324 -54.40 43.90 29.24
N SER A 325 -54.19 43.91 30.56
CA SER A 325 -52.90 44.27 31.12
C SER A 325 -51.81 43.26 30.78
N TYR A 326 -52.18 41.99 30.65
CA TYR A 326 -51.19 40.95 30.42
C TYR A 326 -50.62 41.03 29.00
N THR A 327 -51.50 41.27 28.00
CA THR A 327 -51.00 41.36 26.63
C THR A 327 -50.26 42.67 26.38
N VAL A 328 -50.61 43.76 27.06
CA VAL A 328 -49.82 44.97 26.90
C VAL A 328 -48.50 44.85 27.65
N HIS A 329 -48.48 44.06 28.74
CA HIS A 329 -47.22 43.71 29.39
C HIS A 329 -46.32 42.93 28.43
N LEU A 330 -46.90 41.95 27.73
CA LEU A 330 -46.14 41.14 26.79
C LEU A 330 -45.61 42.00 25.65
N HIS A 331 -46.44 42.90 25.11
CA HIS A 331 -46.01 43.78 24.03
C HIS A 331 -44.92 44.74 24.48
N LEU A 332 -45.05 45.30 25.69
CA LEU A 332 -44.08 46.24 26.22
C LEU A 332 -42.73 45.55 26.44
N LEU A 333 -42.77 44.35 27.03
CA LEU A 333 -41.56 43.57 27.21
C LEU A 333 -40.93 43.15 25.88
N GLN A 334 -41.76 42.87 24.88
CA GLN A 334 -41.25 42.61 23.54
C GLN A 334 -40.52 43.83 23.00
N GLN A 335 -41.05 45.02 23.27
CA GLN A 335 -40.40 46.26 22.83
C GLN A 335 -39.02 46.44 23.48
N LEU A 336 -38.94 46.23 24.81
CA LEU A 336 -37.62 46.30 25.45
C LEU A 336 -36.65 45.24 24.97
N VAL A 337 -37.11 43.99 24.78
CA VAL A 337 -36.14 42.98 24.35
C VAL A 337 -35.68 43.23 22.91
N SER A 338 -36.57 43.73 22.05
CA SER A 338 -36.19 44.05 20.68
C SER A 338 -35.20 45.21 20.64
N HIS A 339 -35.47 46.28 21.40
CA HIS A 339 -34.55 47.40 21.37
C HIS A 339 -33.26 47.09 22.11
N GLU A 340 -33.29 46.16 23.07
CA GLU A 340 -32.06 45.75 23.74
C GLU A 340 -31.17 44.96 22.78
N VAL A 341 -31.75 44.03 22.02
CA VAL A 341 -30.91 43.23 21.12
C VAL A 341 -30.51 44.04 19.90
N THR A 342 -31.24 45.11 19.58
CA THR A 342 -30.79 45.97 18.48
C THR A 342 -29.92 47.14 18.93
N GLN A 343 -29.82 47.40 20.25
CA GLN A 343 -28.95 48.45 20.75
C GLN A 343 -27.65 47.93 21.37
N HIS A 344 -27.60 46.65 21.75
CA HIS A 344 -26.36 46.09 22.24
C HIS A 344 -25.31 46.00 21.14
N GLU A 345 -25.76 45.81 19.90
CA GLU A 345 -24.85 45.74 18.76
C GLU A 345 -25.61 46.21 17.53
N ALA A 346 -24.86 46.55 16.47
CA ALA A 346 -25.47 46.91 15.20
C ALA A 346 -26.24 45.72 14.61
N GLY A 347 -25.65 44.53 14.68
CA GLY A 347 -26.37 43.31 14.40
C GLY A 347 -26.74 42.62 15.70
N SER A 348 -26.93 41.31 15.66
CA SER A 348 -27.19 40.55 16.89
C SER A 348 -26.71 39.13 16.69
N THR A 349 -25.50 38.83 17.19
CA THR A 349 -25.02 37.46 17.21
C THR A 349 -24.28 37.08 18.49
N SER A 350 -23.85 38.03 19.31
CA SER A 350 -23.09 37.73 20.52
C SER A 350 -23.57 38.58 21.68
N TRP A 351 -24.87 38.86 21.73
CA TRP A 351 -25.45 39.53 22.89
C TRP A 351 -25.48 38.56 24.05
N ASP A 352 -24.82 38.91 25.15
CA ASP A 352 -24.56 37.97 26.22
C ASP A 352 -25.38 38.19 27.48
N GLY A 353 -25.82 39.41 27.75
CA GLY A 353 -26.53 39.69 28.98
C GLY A 353 -27.95 39.15 28.98
N SER A 354 -28.56 39.18 30.16
CA SER A 354 -29.97 38.83 30.31
C SER A 354 -30.89 39.98 29.95
N LEU A 355 -30.62 41.17 30.50
CA LEU A 355 -31.33 42.39 30.14
C LEU A 355 -30.48 43.57 30.61
N SER A 356 -30.75 44.74 30.01
CA SER A 356 -30.12 45.97 30.47
C SER A 356 -30.64 46.33 31.86
N PRO A 357 -29.79 46.90 32.73
CA PRO A 357 -30.21 47.18 34.12
C PRO A 357 -31.40 48.12 34.23
N GLN A 358 -31.34 49.27 33.56
CA GLN A 358 -32.48 50.20 33.57
C GLN A 358 -33.67 49.60 32.84
N ALA A 359 -33.42 48.80 31.79
CA ALA A 359 -34.51 48.07 31.15
C ALA A 359 -35.12 47.04 32.09
N ALA A 360 -34.28 46.40 32.91
CA ALA A 360 -34.79 45.47 33.91
C ALA A 360 -35.64 46.20 34.96
N THR A 361 -35.23 47.40 35.36
CA THR A 361 -36.03 48.19 36.28
C THR A 361 -37.38 48.56 35.68
N VAL A 362 -37.36 49.11 34.45
CA VAL A 362 -38.60 49.55 33.82
C VAL A 362 -39.48 48.37 33.45
N LEU A 363 -38.90 47.16 33.36
CA LEU A 363 -39.66 45.92 33.35
C LEU A 363 -40.27 45.61 34.70
N PHE A 364 -39.55 45.92 35.78
CA PHE A 364 -39.99 45.48 37.11
C PHE A 364 -41.21 46.28 37.55
N LEU A 365 -41.28 47.57 37.20
CA LEU A 365 -42.57 48.26 37.21
C LEU A 365 -43.36 47.87 35.96
N HIS A 366 -44.68 47.97 36.07
CA HIS A 366 -45.66 47.33 35.19
C HIS A 366 -45.49 45.81 35.17
N ALA A 367 -45.03 45.24 36.29
CA ALA A 367 -45.01 43.81 36.52
C ALA A 367 -45.56 43.42 37.88
N THR A 368 -45.63 44.34 38.83
CA THR A 368 -46.15 44.07 40.15
C THR A 368 -47.16 45.10 40.63
N GLN A 369 -47.39 46.18 39.88
CA GLN A 369 -48.29 47.26 40.27
C GLN A 369 -49.69 47.08 39.70
N LYS A 370 -50.04 45.89 39.22
CA LYS A 370 -51.37 45.62 38.72
C LYS A 370 -51.95 44.37 39.35
N ASP A 371 -51.47 44.04 40.56
CA ASP A 371 -51.68 42.74 41.21
C ASP A 371 -51.31 41.62 40.23
N LEU A 372 -50.00 41.42 40.11
CA LEU A 372 -49.44 40.44 39.18
C LEU A 372 -48.25 39.78 39.86
N SER A 373 -48.24 38.45 39.87
CA SER A 373 -47.13 37.71 40.44
C SER A 373 -46.05 37.54 39.37
N ASP A 374 -45.05 36.69 39.65
CA ASP A 374 -43.99 36.42 38.70
C ASP A 374 -44.39 35.39 37.65
N PHE A 375 -45.58 34.80 37.76
CA PHE A 375 -45.97 33.67 36.92
C PHE A 375 -46.28 34.19 35.51
N HIS A 376 -47.21 35.15 35.39
CA HIS A 376 -47.46 35.78 34.10
C HIS A 376 -46.26 36.54 33.57
N GLN A 377 -45.43 37.11 34.46
CA GLN A 377 -44.20 37.76 34.00
C GLN A 377 -43.24 36.75 33.38
N SER A 378 -43.16 35.55 33.94
CA SER A 378 -42.29 34.51 33.41
C SER A 378 -42.79 34.01 32.07
N MET A 379 -44.10 33.73 31.96
CA MET A 379 -44.63 33.32 30.66
C MET A 379 -44.51 34.42 29.61
N ALA A 380 -44.70 35.68 30.02
CA ALA A 380 -44.53 36.79 29.09
C ALA A 380 -43.08 36.91 28.63
N GLN A 381 -42.13 36.71 29.55
CA GLN A 381 -40.72 36.72 29.19
C GLN A 381 -40.40 35.63 28.18
N TRP A 382 -40.93 34.43 28.42
CA TRP A 382 -40.70 33.32 27.50
C TRP A 382 -41.31 33.60 26.13
N LEU A 383 -42.55 34.09 26.10
CA LEU A 383 -43.23 34.36 24.83
C LEU A 383 -42.50 35.44 24.04
N ALA A 384 -42.09 36.51 24.72
CA ALA A 384 -41.38 37.60 24.05
C ALA A 384 -40.03 37.13 23.52
N TYR A 385 -39.29 36.34 24.32
CA TYR A 385 -37.98 35.86 23.88
C TYR A 385 -38.11 34.90 22.71
N SER A 386 -39.11 34.01 22.74
CA SER A 386 -39.28 33.03 21.66
C SER A 386 -39.71 33.71 20.37
N ARG A 387 -40.68 34.63 20.45
CA ARG A 387 -41.13 35.32 19.25
C ARG A 387 -40.05 36.24 18.71
N LEU A 388 -39.22 36.80 19.59
CA LEU A 388 -38.08 37.60 19.14
C LEU A 388 -37.06 36.74 18.43
N TYR A 389 -36.80 35.54 18.95
CA TYR A 389 -35.85 34.61 18.31
C TYR A 389 -36.33 34.19 16.93
N GLN A 390 -37.64 33.94 16.81
CA GLN A 390 -38.20 33.67 15.50
C GLN A 390 -38.25 34.90 14.61
N SER A 391 -38.16 36.10 15.19
CA SER A 391 -38.07 37.33 14.41
C SER A 391 -36.65 37.64 13.97
N LEU A 392 -35.71 37.75 14.91
CA LEU A 392 -34.31 37.97 14.60
C LEU A 392 -33.45 37.13 15.53
N GLU A 393 -32.23 36.83 15.09
CA GLU A 393 -31.36 35.88 15.77
C GLU A 393 -30.68 36.58 16.95
N PHE A 394 -30.84 35.99 18.14
CA PHE A 394 -29.89 36.22 19.22
C PHE A 394 -29.33 34.87 19.64
N PRO A 395 -28.14 34.81 20.24
CA PRO A 395 -27.63 33.50 20.72
C PRO A 395 -28.57 32.88 21.75
N SER A 396 -28.85 31.59 21.56
CA SER A 396 -29.95 30.96 22.27
C SER A 396 -29.61 30.58 23.70
N SER A 397 -28.36 30.78 24.13
CA SER A 397 -28.04 30.64 25.54
C SER A 397 -28.79 31.65 26.39
N CYS A 398 -29.06 32.83 25.83
CA CYS A 398 -29.94 33.79 26.49
C CYS A 398 -31.38 33.31 26.52
N LEU A 399 -31.73 32.34 25.68
CA LEU A 399 -33.01 31.64 25.81
C LEU A 399 -33.00 30.62 26.93
N LEU A 400 -31.81 30.26 27.45
CA LEU A 400 -31.74 29.24 28.49
C LEU A 400 -32.23 29.75 29.84
N HIS A 401 -32.04 31.04 30.12
CA HIS A 401 -32.52 31.63 31.36
C HIS A 401 -34.06 31.62 31.47
N PRO A 402 -34.85 31.98 30.44
CA PRO A 402 -36.31 31.90 30.64
C PRO A 402 -36.89 30.50 30.59
N ILE A 403 -36.32 29.58 29.79
CA ILE A 403 -37.01 28.31 29.52
C ILE A 403 -37.11 27.49 30.80
N THR A 404 -36.04 27.48 31.60
CA THR A 404 -36.03 26.74 32.85
C THR A 404 -37.04 27.32 33.84
N SER A 405 -37.42 28.58 33.65
CA SER A 405 -38.46 29.17 34.49
C SER A 405 -39.78 28.44 34.31
N ILE A 406 -40.13 28.07 33.07
CA ILE A 406 -41.31 27.23 32.85
C ILE A 406 -41.08 25.85 33.43
N GLU A 407 -39.82 25.43 33.52
CA GLU A 407 -39.50 24.23 34.29
C GLU A 407 -39.73 24.44 35.78
N TYR A 408 -39.38 25.63 36.28
CA TYR A 408 -39.47 25.86 37.73
C TYR A 408 -40.91 26.12 38.17
N GLN A 409 -41.59 27.05 37.49
CA GLN A 409 -42.95 27.47 37.88
C GLN A 409 -43.93 27.14 36.76
N TRP A 410 -44.46 25.92 36.78
CA TRP A 410 -45.63 25.59 35.96
C TRP A 410 -46.71 24.83 36.72
N ILE A 411 -46.35 24.02 37.70
CA ILE A 411 -47.30 23.13 38.36
C ILE A 411 -48.15 23.86 39.39
N GLN A 412 -47.54 24.77 40.15
CA GLN A 412 -48.26 25.42 41.24
C GLN A 412 -49.28 26.44 40.71
N GLY A 413 -49.09 26.88 39.47
CA GLY A 413 -49.99 27.85 38.86
C GLY A 413 -50.79 27.27 37.72
N ARG A 414 -51.86 27.98 37.36
CA ARG A 414 -52.74 27.59 36.27
C ARG A 414 -53.05 28.79 35.40
N LEU A 415 -53.36 28.50 34.14
CA LEU A 415 -53.74 29.51 33.16
C LEU A 415 -55.16 29.21 32.66
N LYS A 416 -55.81 30.26 32.16
CA LYS A 416 -57.14 30.11 31.58
C LYS A 416 -57.03 29.52 30.17
N ALA A 417 -58.19 29.39 29.51
CA ALA A 417 -58.24 28.87 28.14
C ALA A 417 -57.52 29.77 27.16
N GLU A 418 -57.38 31.06 27.46
CA GLU A 418 -56.59 31.98 26.66
C GLU A 418 -55.17 32.03 27.21
N GLN A 419 -54.21 32.16 26.28
CA GLN A 419 -52.76 32.29 26.47
C GLN A 419 -52.12 30.96 26.87
N GLN A 420 -52.90 29.97 27.26
CA GLN A 420 -52.37 28.62 27.37
C GLN A 420 -52.18 28.01 25.99
N GLU A 421 -53.17 28.21 25.12
CA GLU A 421 -53.01 27.82 23.72
C GLU A 421 -51.95 28.67 23.03
N GLU A 422 -51.76 29.92 23.46
CA GLU A 422 -50.66 30.72 22.93
C GLU A 422 -49.31 30.19 23.39
N LEU A 423 -49.21 29.72 24.63
CA LEU A 423 -48.00 29.07 25.11
C LEU A 423 -47.69 27.83 24.30
N ALA A 424 -48.71 27.00 24.06
CA ALA A 424 -48.52 25.80 23.24
C ALA A 424 -48.15 26.15 21.80
N ALA A 425 -48.77 27.21 21.25
CA ALA A 425 -48.48 27.62 19.88
C ALA A 425 -47.06 28.16 19.76
N SER A 426 -46.59 28.89 20.78
CA SER A 426 -45.21 29.37 20.76
C SER A 426 -44.22 28.24 20.97
N PHE A 427 -44.56 27.24 21.78
CA PHE A 427 -43.75 26.02 21.89
C PHE A 427 -43.60 25.35 20.54
N SER A 428 -44.73 25.15 19.86
CA SER A 428 -44.74 24.53 18.53
C SER A 428 -44.00 25.37 17.51
N SER A 429 -44.13 26.69 17.57
CA SER A 429 -43.47 27.56 16.61
C SER A 429 -41.96 27.62 16.82
N LEU A 430 -41.50 27.65 18.08
CA LEU A 430 -40.06 27.59 18.32
C LEU A 430 -39.50 26.24 17.91
N LEU A 431 -40.25 25.17 18.17
CA LEU A 431 -39.82 23.84 17.75
C LEU A 431 -39.71 23.75 16.22
N THR A 432 -40.70 24.30 15.51
CA THR A 432 -40.68 24.30 14.06
C THR A 432 -39.54 25.15 13.50
N TYR A 433 -39.29 26.32 14.10
CA TYR A 433 -38.18 27.15 13.65
C TYR A 433 -36.84 26.48 13.90
N GLY A 434 -36.66 25.86 15.07
CA GLY A 434 -35.42 25.15 15.35
C GLY A 434 -35.24 23.94 14.46
N LEU A 435 -36.33 23.26 14.13
CA LEU A 435 -36.23 22.07 13.30
C LEU A 435 -35.96 22.44 11.85
N SER A 436 -36.51 23.56 11.39
CA SER A 436 -36.11 24.10 10.10
C SER A 436 -34.67 24.60 10.12
N LEU A 437 -34.15 24.96 11.29
CA LEU A 437 -32.74 25.31 11.42
C LEU A 437 -31.83 24.09 11.34
N ILE A 438 -32.16 23.00 12.03
CA ILE A 438 -31.28 21.83 12.01
C ILE A 438 -31.57 20.95 10.80
N ARG A 439 -32.63 21.24 10.05
CA ARG A 439 -32.82 20.56 8.77
C ARG A 439 -31.81 21.12 7.77
N ARG A 440 -31.53 22.41 7.87
CA ARG A 440 -30.65 23.12 6.95
C ARG A 440 -29.33 23.48 7.60
N PHE A 441 -28.78 22.58 8.42
CA PHE A 441 -27.59 22.89 9.20
C PHE A 441 -26.33 23.01 8.36
N ARG A 442 -26.38 22.65 7.08
CA ARG A 442 -25.29 22.91 6.17
C ARG A 442 -25.22 24.36 5.72
N SER A 443 -26.26 25.16 6.00
CA SER A 443 -26.35 26.54 5.57
C SER A 443 -26.38 27.52 6.73
N VAL A 444 -27.21 27.26 7.75
CA VAL A 444 -27.32 28.20 8.86
C VAL A 444 -26.20 27.98 9.88
N PHE A 445 -25.66 26.76 9.92
CA PHE A 445 -24.46 26.53 10.73
C PHE A 445 -23.37 25.86 9.91
N PRO A 446 -22.76 26.55 8.94
CA PRO A 446 -21.64 25.94 8.22
C PRO A 446 -20.34 26.09 8.98
N LEU A 447 -19.40 25.19 8.70
CA LEU A 447 -18.13 25.23 9.42
C LEU A 447 -17.20 26.30 8.86
N SER A 448 -17.64 27.56 8.91
CA SER A 448 -16.85 28.69 8.48
C SER A 448 -16.94 29.89 9.40
N VAL A 449 -17.91 29.92 10.31
CA VAL A 449 -18.07 31.02 11.26
C VAL A 449 -17.48 30.68 12.63
N SER A 450 -16.80 29.53 12.74
CA SER A 450 -15.94 29.14 13.86
C SER A 450 -16.68 28.90 15.17
N ASP A 451 -18.02 28.97 15.16
CA ASP A 451 -18.80 28.54 16.31
C ASP A 451 -20.05 27.78 15.90
N SER A 452 -20.03 27.15 14.72
CA SER A 452 -21.18 26.37 14.26
C SER A 452 -21.50 25.17 15.14
N PRO A 453 -20.54 24.31 15.54
CA PRO A 453 -20.93 23.23 16.48
C PRO A 453 -21.37 23.74 17.84
N ALA A 454 -20.79 24.84 18.32
CA ALA A 454 -21.20 25.39 19.61
C ALA A 454 -22.61 25.96 19.54
N ARG A 455 -22.92 26.73 18.49
CA ARG A 455 -24.25 27.29 18.33
C ARG A 455 -25.29 26.19 18.07
N LEU A 456 -24.92 25.17 17.29
CA LEU A 456 -25.82 24.06 17.05
C LEU A 456 -26.09 23.28 18.33
N GLN A 457 -25.05 23.06 19.13
CA GLN A 457 -25.22 22.34 20.40
C GLN A 457 -26.05 23.17 21.37
N SER A 458 -25.90 24.49 21.36
CA SER A 458 -26.77 25.34 22.16
C SER A 458 -28.22 25.29 21.67
N LEU A 459 -28.43 25.20 20.36
CA LEU A 459 -29.79 25.08 19.83
C LEU A 459 -30.42 23.77 20.23
N LEU A 460 -29.68 22.65 20.16
CA LEU A 460 -30.22 21.41 20.67
C LEU A 460 -30.37 21.41 22.19
N ARG A 461 -29.51 22.13 22.90
CA ARG A 461 -29.55 22.23 24.35
C ARG A 461 -30.70 23.10 24.85
N VAL A 462 -31.26 23.94 23.98
CA VAL A 462 -32.56 24.54 24.25
C VAL A 462 -33.69 23.76 23.58
N LEU A 463 -33.38 22.79 22.73
CA LEU A 463 -34.38 21.85 22.25
C LEU A 463 -34.59 20.71 23.24
N VAL A 464 -33.50 20.17 23.82
CA VAL A 464 -33.67 19.47 25.09
C VAL A 464 -33.77 20.55 26.15
N GLN A 465 -34.20 20.14 27.36
CA GLN A 465 -34.62 21.04 28.44
C GLN A 465 -35.80 21.91 28.02
N MET A 466 -36.44 21.56 26.91
CA MET A 466 -37.73 22.08 26.46
C MET A 466 -38.74 20.97 26.33
N CYS A 467 -38.30 19.82 25.78
CA CYS A 467 -39.07 18.58 25.83
C CYS A 467 -38.89 17.87 27.15
N LYS A 468 -38.08 18.41 28.06
CA LYS A 468 -37.76 17.77 29.33
C LYS A 468 -38.50 18.44 30.50
N MET A 469 -39.74 18.88 30.28
CA MET A 469 -40.61 19.31 31.36
C MET A 469 -42.01 18.74 31.16
N LYS A 470 -42.88 19.03 32.13
CA LYS A 470 -44.29 18.67 32.00
C LYS A 470 -45.01 19.56 30.98
N ALA A 471 -44.46 20.73 30.71
CA ALA A 471 -45.06 21.71 29.81
C ALA A 471 -45.13 21.24 28.35
N PHE A 472 -44.31 20.26 27.96
CA PHE A 472 -44.44 19.66 26.63
C PHE A 472 -45.55 18.63 26.56
N GLY A 473 -46.26 18.38 27.66
CA GLY A 473 -47.49 17.62 27.58
C GLY A 473 -48.65 18.40 26.97
N GLU A 474 -48.47 19.69 26.69
CA GLU A 474 -49.51 20.53 26.12
C GLU A 474 -49.44 20.65 24.60
N LEU A 475 -48.52 19.94 23.94
CA LEU A 475 -48.35 20.08 22.49
C LEU A 475 -49.21 19.03 21.79
N CYS A 476 -50.36 19.48 21.29
CA CYS A 476 -51.21 18.70 20.39
C CYS A 476 -50.71 18.62 18.95
N PRO A 477 -50.12 19.67 18.34
CA PRO A 477 -49.53 19.48 17.00
C PRO A 477 -48.37 18.49 16.93
N ASN A 478 -47.68 18.22 18.03
CA ASN A 478 -46.53 17.31 17.99
C ASN A 478 -46.52 16.48 19.25
N THR A 479 -46.73 15.17 19.10
CA THR A 479 -46.63 14.23 20.19
C THR A 479 -45.48 13.26 20.00
N ALA A 480 -45.08 12.99 18.75
CA ALA A 480 -43.99 12.07 18.48
C ALA A 480 -42.66 12.66 18.95
N PRO A 481 -41.74 11.84 19.44
CA PRO A 481 -40.61 12.36 20.18
C PRO A 481 -39.38 12.89 19.42
N LEU A 482 -38.49 13.48 20.21
CA LEU A 482 -37.45 14.37 19.68
C LEU A 482 -36.42 13.68 18.79
N PRO A 483 -35.79 12.53 19.16
CA PRO A 483 -34.80 11.95 18.24
C PRO A 483 -35.35 11.51 16.90
N GLN A 484 -36.58 10.99 16.87
CA GLN A 484 -37.17 10.54 15.61
C GLN A 484 -37.43 11.69 14.66
N LEU A 485 -38.02 12.78 15.16
CA LEU A 485 -38.27 13.95 14.32
C LEU A 485 -36.99 14.70 13.97
N VAL A 486 -35.98 14.66 14.83
CA VAL A 486 -34.68 15.22 14.46
C VAL A 486 -34.08 14.43 13.31
N THR A 487 -34.17 13.09 13.36
CA THR A 487 -33.70 12.27 12.24
C THR A 487 -34.52 12.53 10.98
N GLU A 488 -35.82 12.78 11.11
CA GLU A 488 -36.65 13.13 9.97
C GLU A 488 -36.17 14.42 9.31
N ALA A 489 -35.88 15.42 10.13
CA ALA A 489 -35.36 16.68 9.59
C ALA A 489 -33.98 16.50 8.97
N LEU A 490 -33.13 15.67 9.58
CA LEU A 490 -31.82 15.39 9.02
C LEU A 490 -31.94 14.70 7.67
N GLN A 491 -32.87 13.74 7.56
CA GLN A 491 -33.11 13.02 6.31
C GLN A 491 -33.57 13.95 5.20
N THR A 492 -34.58 14.78 5.50
CA THR A 492 -35.08 15.73 4.51
C THR A 492 -34.02 16.75 4.13
N GLY A 493 -33.23 17.20 5.10
CA GLY A 493 -32.17 18.15 4.80
C GLY A 493 -31.08 17.56 3.94
N THR A 494 -30.72 16.30 4.19
CA THR A 494 -29.71 15.64 3.35
C THR A 494 -30.21 15.46 1.93
N THR A 495 -31.47 15.06 1.76
CA THR A 495 -32.03 14.90 0.42
C THR A 495 -32.07 16.23 -0.33
N GLU A 496 -32.56 17.28 0.34
CA GLU A 496 -32.64 18.59 -0.30
C GLU A 496 -31.25 19.17 -0.58
N TRP A 497 -30.29 18.91 0.30
CA TRP A 497 -28.93 19.39 0.08
C TRP A 497 -28.30 18.70 -1.12
N PHE A 498 -28.54 17.40 -1.28
CA PHE A 498 -28.06 16.69 -2.46
C PHE A 498 -28.69 17.25 -3.72
N HIS A 499 -29.99 17.53 -3.68
CA HIS A 499 -30.68 18.08 -4.85
C HIS A 499 -30.13 19.45 -5.24
N LEU A 500 -29.96 20.33 -4.25
CA LEU A 500 -29.44 21.67 -4.53
C LEU A 500 -27.97 21.61 -4.96
N LYS A 501 -27.20 20.66 -4.44
CA LYS A 501 -25.83 20.49 -4.90
C LYS A 501 -25.77 20.02 -6.35
N GLN A 502 -26.69 19.11 -6.72
CA GLN A 502 -26.76 18.67 -8.11
C GLN A 502 -27.14 19.82 -9.05
N GLN A 503 -28.08 20.66 -8.61
CA GLN A 503 -28.41 21.85 -9.41
C GLN A 503 -27.27 22.86 -9.42
N HIS A 504 -26.45 22.88 -8.36
CA HIS A 504 -25.29 23.76 -8.30
C HIS A 504 -24.19 23.30 -9.26
N HIS A 505 -24.07 21.99 -9.49
CA HIS A 505 -22.93 21.41 -10.19
C HIS A 505 -23.13 21.38 -11.70
N GLN A 506 -23.89 22.34 -12.26
CA GLN A 506 -24.12 22.57 -13.69
C GLN A 506 -24.79 21.35 -14.32
N PRO A 507 -26.10 21.17 -14.14
CA PRO A 507 -26.83 20.19 -14.95
C PRO A 507 -27.61 20.76 -16.13
N MET A 508 -27.55 22.07 -16.40
CA MET A 508 -28.42 22.64 -17.42
C MET A 508 -27.94 22.40 -18.85
N VAL A 509 -26.73 21.89 -19.04
CA VAL A 509 -26.18 21.63 -20.37
C VAL A 509 -26.20 20.12 -20.60
N GLN A 510 -26.90 19.71 -21.65
CA GLN A 510 -26.99 18.30 -21.99
C GLN A 510 -25.66 17.81 -22.56
N GLY A 511 -25.42 16.51 -22.39
CA GLY A 511 -24.18 15.91 -22.82
C GLY A 511 -23.55 15.01 -21.76
N ILE A 512 -22.80 14.01 -22.21
CA ILE A 512 -22.25 12.98 -21.32
C ILE A 512 -21.00 13.45 -20.56
N PRO A 513 -19.98 14.07 -21.20
CA PRO A 513 -18.84 14.54 -20.39
C PRO A 513 -19.18 15.62 -19.37
N GLU A 514 -20.14 16.49 -19.69
CA GLU A 514 -20.57 17.51 -18.73
C GLU A 514 -21.23 16.86 -17.53
N ALA A 515 -22.09 15.86 -17.75
CA ALA A 515 -22.68 15.10 -16.66
C ALA A 515 -21.64 14.32 -15.87
N GLY A 516 -20.60 13.82 -16.55
CA GLY A 516 -19.52 13.13 -15.87
C GLY A 516 -18.72 14.03 -14.93
N LYS A 517 -18.35 15.22 -15.40
CA LYS A 517 -17.64 16.14 -14.53
C LYS A 517 -18.55 16.68 -13.43
N ALA A 518 -19.86 16.80 -13.71
CA ALA A 518 -20.82 17.17 -12.68
C ALA A 518 -20.88 16.12 -11.59
N LEU A 519 -20.90 14.83 -11.99
CA LEU A 519 -20.91 13.75 -11.02
C LEU A 519 -19.61 13.69 -10.22
N LEU A 520 -18.48 13.98 -10.88
CA LEU A 520 -17.20 14.00 -10.17
C LEU A 520 -17.17 15.11 -9.12
N GLY A 521 -17.61 16.31 -9.49
CA GLY A 521 -17.69 17.39 -8.51
C GLY A 521 -18.67 17.08 -7.40
N LEU A 522 -19.80 16.44 -7.75
CA LEU A 522 -20.80 16.09 -6.76
C LEU A 522 -20.26 15.08 -5.75
N VAL A 523 -19.58 14.04 -6.22
CA VAL A 523 -19.08 13.03 -5.30
C VAL A 523 -17.92 13.58 -4.47
N GLN A 524 -17.14 14.52 -5.03
CA GLN A 524 -16.12 15.18 -4.21
C GLN A 524 -16.75 16.01 -3.09
N ASP A 525 -17.83 16.74 -3.41
CA ASP A 525 -18.54 17.49 -2.38
C ASP A 525 -19.18 16.59 -1.34
N VAL A 526 -19.69 15.43 -1.75
CA VAL A 526 -20.26 14.48 -0.79
C VAL A 526 -19.18 13.84 0.08
N ILE A 527 -17.98 13.58 -0.48
CA ILE A 527 -16.86 13.13 0.33
C ILE A 527 -16.51 14.17 1.39
N GLY A 528 -16.47 15.44 0.98
CA GLY A 528 -16.23 16.52 1.93
C GLY A 528 -17.28 16.63 3.02
N ASP A 529 -18.56 16.50 2.63
CA ASP A 529 -19.66 16.57 3.58
C ASP A 529 -19.63 15.40 4.56
N LEU A 530 -19.37 14.19 4.06
CA LEU A 530 -19.29 13.04 4.96
C LEU A 530 -18.07 13.11 5.87
N HIS A 531 -16.97 13.69 5.38
CA HIS A 531 -15.80 13.89 6.22
C HIS A 531 -16.10 14.85 7.36
N GLN A 532 -16.73 15.98 7.05
CA GLN A 532 -17.07 16.93 8.11
C GLN A 532 -18.26 16.47 8.95
N CYS A 533 -19.04 15.49 8.47
CA CYS A 533 -20.04 14.82 9.30
C CYS A 533 -19.46 13.71 10.15
N GLN A 534 -18.23 13.26 9.86
CA GLN A 534 -17.60 12.19 10.62
C GLN A 534 -16.81 12.72 11.81
N ARG A 535 -16.12 13.85 11.65
CA ARG A 535 -15.32 14.40 12.73
C ARG A 535 -16.16 15.26 13.68
N THR A 536 -16.77 16.32 13.15
CA THR A 536 -17.35 17.37 13.99
C THR A 536 -18.80 17.08 14.37
N TRP A 537 -19.67 16.96 13.37
CA TRP A 537 -21.11 16.93 13.62
C TRP A 537 -21.62 15.59 14.13
N ASP A 538 -20.80 14.54 14.15
CA ASP A 538 -21.22 13.23 14.62
C ASP A 538 -21.36 13.15 16.13
N LYS A 539 -20.39 13.71 16.87
CA LYS A 539 -20.37 13.53 18.32
C LYS A 539 -21.45 14.38 19.00
N ILE A 540 -21.70 15.57 18.47
CA ILE A 540 -22.63 16.51 19.10
C ILE A 540 -24.07 16.08 18.84
N PHE A 541 -24.27 15.17 17.90
CA PHE A 541 -25.56 14.53 17.67
C PHE A 541 -25.74 13.23 18.43
N HIS A 542 -24.63 12.65 18.90
CA HIS A 542 -24.70 11.33 19.54
C HIS A 542 -24.66 11.45 21.07
N ASN A 543 -23.99 12.46 21.59
CA ASN A 543 -23.84 12.58 23.05
C ASN A 543 -25.13 13.04 23.71
N THR A 544 -25.92 13.86 23.01
CA THR A 544 -27.10 14.47 23.64
C THR A 544 -28.33 13.59 23.49
N LEU A 545 -28.72 13.30 22.25
CA LEU A 545 -29.97 12.57 21.99
C LEU A 545 -29.73 11.24 21.27
N LYS A 546 -28.47 10.78 21.18
CA LYS A 546 -28.09 9.45 20.67
C LYS A 546 -28.57 9.23 19.23
N ILE A 547 -28.11 10.10 18.33
CA ILE A 547 -28.43 10.01 16.92
C ILE A 547 -27.15 9.85 16.13
N HIS A 548 -27.07 8.76 15.37
CA HIS A 548 -25.92 8.50 14.49
C HIS A 548 -26.17 9.21 13.17
N LEU A 549 -25.53 10.37 13.00
CA LEU A 549 -25.72 11.16 11.78
C LEU A 549 -25.04 10.50 10.58
N PHE A 550 -23.82 9.99 10.79
CA PHE A 550 -22.99 9.55 9.68
C PHE A 550 -23.56 8.32 8.99
N SER A 551 -24.11 7.38 9.76
CA SER A 551 -24.64 6.15 9.18
C SER A 551 -25.81 6.42 8.24
N MET A 552 -26.81 7.16 8.74
CA MET A 552 -27.99 7.47 7.92
C MET A 552 -27.63 8.39 6.75
N ALA A 553 -26.74 9.37 7.00
CA ALA A 553 -26.33 10.28 5.93
C ALA A 553 -25.59 9.55 4.83
N PHE A 554 -24.72 8.60 5.21
CA PHE A 554 -23.95 7.85 4.23
C PHE A 554 -24.82 6.84 3.49
N ARG A 555 -25.81 6.25 4.18
CA ARG A 555 -26.78 5.40 3.48
C ARG A 555 -27.54 6.18 2.41
N GLU A 556 -28.10 7.33 2.80
CA GLU A 556 -28.88 8.13 1.86
C GLU A 556 -28.01 8.65 0.71
N LEU A 557 -26.80 9.10 1.01
CA LEU A 557 -25.96 9.70 -0.02
C LEU A 557 -25.09 8.69 -0.73
N GLN A 558 -25.21 7.40 -0.39
CA GLN A 558 -24.78 6.38 -1.34
C GLN A 558 -25.92 5.90 -2.21
N TRP A 559 -27.17 5.93 -1.73
CA TRP A 559 -28.29 5.58 -2.60
C TRP A 559 -28.48 6.64 -3.69
N LEU A 560 -28.52 7.91 -3.30
CA LEU A 560 -28.74 8.99 -4.25
C LEU A 560 -27.58 9.19 -5.22
N VAL A 561 -26.40 8.68 -4.90
CA VAL A 561 -25.25 8.74 -5.79
C VAL A 561 -25.17 7.49 -6.67
N ALA A 562 -25.54 6.33 -6.13
CA ALA A 562 -25.64 5.12 -6.94
C ALA A 562 -26.66 5.27 -8.05
N LYS A 563 -27.82 5.86 -7.73
CA LYS A 563 -28.85 6.05 -8.74
C LYS A 563 -28.48 7.08 -9.80
N ARG A 564 -27.41 7.86 -9.58
CA ARG A 564 -26.89 8.77 -10.59
C ARG A 564 -25.78 8.14 -11.42
N VAL A 565 -24.79 7.53 -10.76
CA VAL A 565 -23.66 6.95 -11.48
C VAL A 565 -24.09 5.71 -12.27
N GLN A 566 -25.04 4.93 -11.75
CA GLN A 566 -25.53 3.76 -12.47
C GLN A 566 -26.21 4.17 -13.77
N ASP A 567 -27.05 5.21 -13.71
CA ASP A 567 -27.69 5.72 -14.92
C ASP A 567 -26.68 6.37 -15.86
N HIS A 568 -25.68 7.07 -15.31
CA HIS A 568 -24.64 7.67 -16.14
C HIS A 568 -23.86 6.61 -16.90
N THR A 569 -23.47 5.52 -16.22
CA THR A 569 -22.73 4.44 -16.86
C THR A 569 -23.62 3.61 -17.78
N THR A 570 -24.93 3.59 -17.51
CA THR A 570 -25.87 2.95 -18.43
C THR A 570 -25.95 3.71 -19.74
N VAL A 571 -26.08 5.04 -19.68
CA VAL A 571 -26.08 5.81 -20.92
C VAL A 571 -24.67 5.98 -21.49
N VAL A 572 -23.63 5.55 -20.78
CA VAL A 572 -22.31 5.44 -21.39
C VAL A 572 -22.33 4.40 -22.50
N GLY A 573 -22.94 3.25 -22.23
CA GLY A 573 -22.97 2.16 -23.18
C GLY A 573 -21.76 1.25 -23.05
N ASP A 574 -21.53 0.42 -24.07
CA ASP A 574 -20.37 -0.46 -24.08
C ASP A 574 -19.18 0.12 -24.82
N VAL A 575 -19.31 1.30 -25.41
CA VAL A 575 -18.19 1.99 -26.04
C VAL A 575 -17.73 3.10 -25.10
N VAL A 576 -16.43 3.23 -24.93
CA VAL A 576 -15.83 4.14 -23.96
C VAL A 576 -14.68 4.87 -24.64
N SER A 577 -14.72 6.21 -24.62
CA SER A 577 -13.63 7.01 -25.12
C SER A 577 -12.51 7.08 -24.09
N PRO A 578 -11.26 7.29 -24.53
CA PRO A 578 -10.14 7.40 -23.57
C PRO A 578 -10.27 8.52 -22.54
N GLU A 579 -10.70 9.71 -22.97
CA GLU A 579 -11.01 10.77 -22.01
C GLU A 579 -12.20 10.38 -21.15
N MET A 580 -13.20 9.76 -21.76
CA MET A 580 -14.34 9.25 -21.02
C MET A 580 -13.92 8.13 -20.06
N GLY A 581 -12.98 7.29 -20.48
CA GLY A 581 -12.46 6.26 -19.59
C GLY A 581 -11.71 6.85 -18.40
N GLU A 582 -10.95 7.92 -18.63
CA GLU A 582 -10.28 8.60 -17.53
C GLU A 582 -11.28 9.23 -16.57
N SER A 583 -12.36 9.81 -17.12
CA SER A 583 -13.42 10.37 -16.28
C SER A 583 -14.07 9.29 -15.42
N LEU A 584 -14.36 8.12 -16.02
CA LEU A 584 -14.88 7.02 -15.23
C LEU A 584 -13.87 6.47 -14.25
N PHE A 585 -12.56 6.58 -14.54
CA PHE A 585 -11.55 6.13 -13.59
C PHE A 585 -11.52 7.03 -12.35
N GLN A 586 -11.59 8.34 -12.55
CA GLN A 586 -11.67 9.27 -11.42
C GLN A 586 -12.95 9.06 -10.63
N LEU A 587 -14.06 8.81 -11.34
CA LEU A 587 -15.32 8.49 -10.66
C LEU A 587 -15.21 7.19 -9.88
N TYR A 588 -14.48 6.21 -10.43
CA TYR A 588 -14.29 4.92 -9.77
C TYR A 588 -13.51 5.08 -8.47
N ILE A 589 -12.43 5.85 -8.49
CA ILE A 589 -11.63 6.00 -7.27
C ILE A 589 -12.37 6.86 -6.24
N SER A 590 -13.14 7.86 -6.68
CA SER A 590 -13.94 8.64 -5.73
C SER A 590 -15.02 7.78 -5.07
N LEU A 591 -15.70 6.95 -5.86
CA LEU A 591 -16.71 6.07 -5.28
C LEU A 591 -16.08 4.99 -4.42
N LYS A 592 -14.85 4.57 -4.73
CA LYS A 592 -14.17 3.60 -3.87
C LYS A 592 -13.78 4.24 -2.54
N GLU A 593 -13.43 5.53 -2.55
CA GLU A 593 -13.25 6.26 -1.29
C GLU A 593 -14.55 6.34 -0.50
N LEU A 594 -15.67 6.58 -1.22
CA LEU A 594 -16.97 6.64 -0.58
C LEU A 594 -17.35 5.30 0.07
N CYS A 595 -17.05 4.18 -0.59
CA CYS A 595 -17.25 2.87 0.02
C CYS A 595 -16.21 2.55 1.08
N GLN A 596 -15.04 3.19 1.03
CA GLN A 596 -14.04 3.04 2.08
C GLN A 596 -14.52 3.68 3.38
N LEU A 597 -15.30 4.76 3.26
CA LEU A 597 -15.87 5.41 4.45
C LEU A 597 -16.88 4.52 5.17
N ARG A 598 -17.34 3.45 4.54
CA ARG A 598 -18.33 2.57 5.14
C ARG A 598 -17.78 1.83 6.35
N MET A 599 -16.53 1.35 6.26
CA MET A 599 -15.92 0.53 7.29
C MET A 599 -15.59 1.29 8.56
N SER A 600 -15.68 2.62 8.54
CA SER A 600 -15.51 3.43 9.74
C SER A 600 -16.85 3.81 10.35
N SER A 601 -17.92 3.10 9.99
CA SER A 601 -19.26 3.39 10.48
C SER A 601 -20.01 2.12 10.90
N SER A 602 -19.30 1.16 11.50
CA SER A 602 -19.88 -0.03 12.14
C SER A 602 -20.64 -0.92 11.16
N GLU A 603 -20.07 -1.11 9.97
CA GLU A 603 -20.44 -2.17 9.02
C GLU A 603 -21.92 -2.06 8.59
N ARG A 604 -22.20 -0.99 7.84
CA ARG A 604 -23.52 -0.84 7.24
C ARG A 604 -23.82 -2.00 6.29
N ASP A 605 -24.76 -2.86 6.68
CA ASP A 605 -25.10 -4.05 5.91
C ASP A 605 -26.62 -4.15 5.77
N GLY A 606 -27.05 -4.79 4.68
CA GLY A 606 -28.45 -4.93 4.38
C GLY A 606 -29.05 -3.81 3.56
N VAL A 607 -28.50 -2.59 3.66
CA VAL A 607 -28.96 -1.46 2.87
C VAL A 607 -28.01 -1.20 1.70
N LEU A 608 -27.27 -2.22 1.25
CA LEU A 608 -26.23 -2.09 0.25
C LEU A 608 -26.76 -1.66 -1.11
N ALA A 609 -26.44 -0.44 -1.51
CA ALA A 609 -26.81 0.04 -2.84
C ALA A 609 -25.60 0.57 -3.61
N LEU A 610 -24.46 0.73 -2.96
CA LEU A 610 -23.22 1.09 -3.64
C LEU A 610 -22.20 -0.04 -3.64
N ASP A 611 -22.50 -1.17 -2.99
CA ASP A 611 -21.66 -2.34 -3.16
C ASP A 611 -21.81 -2.88 -4.58
N ASN A 612 -20.75 -3.55 -5.04
CA ASN A 612 -20.62 -4.02 -6.42
C ASN A 612 -20.80 -2.89 -7.44
N PHE A 613 -20.30 -1.70 -7.11
CA PHE A 613 -20.35 -0.56 -8.02
C PHE A 613 -19.31 -0.75 -9.13
N HIS A 614 -18.39 -1.67 -8.92
CA HIS A 614 -17.37 -1.99 -9.91
C HIS A 614 -17.92 -2.73 -11.11
N ARG A 615 -19.12 -3.32 -11.00
CA ARG A 615 -19.76 -3.99 -12.12
C ARG A 615 -20.02 -3.03 -13.27
N TRP A 616 -20.57 -1.86 -12.95
CA TRP A 616 -20.95 -0.87 -13.95
C TRP A 616 -19.74 -0.32 -14.69
N PHE A 617 -18.56 -0.42 -14.11
CA PHE A 617 -17.34 0.04 -14.75
C PHE A 617 -16.64 -1.05 -15.57
N GLN A 618 -17.26 -2.25 -15.69
CA GLN A 618 -16.72 -3.32 -16.51
C GLN A 618 -16.53 -2.94 -17.99
N PRO A 619 -17.47 -2.20 -18.67
CA PRO A 619 -17.16 -1.75 -20.04
C PRO A 619 -15.98 -0.80 -20.13
N ALA A 620 -15.62 -0.15 -19.03
CA ALA A 620 -14.54 0.82 -19.03
C ALA A 620 -13.17 0.21 -18.74
N ILE A 621 -13.10 -1.06 -18.37
CA ILE A 621 -11.83 -1.72 -18.06
C ILE A 621 -10.87 -1.78 -19.25
N PRO A 622 -11.29 -2.23 -20.50
CA PRO A 622 -10.30 -2.29 -21.59
C PRO A 622 -9.72 -0.95 -21.99
N SER A 623 -10.45 0.14 -21.71
CA SER A 623 -9.92 1.47 -21.93
C SER A 623 -8.82 1.82 -20.92
N TRP A 624 -9.08 1.60 -19.63
CA TRP A 624 -8.11 1.94 -18.58
C TRP A 624 -6.81 1.17 -18.77
N LEU A 625 -6.91 -0.14 -18.96
CA LEU A 625 -5.71 -0.95 -19.20
C LEU A 625 -5.04 -0.60 -20.51
N GLN A 626 -5.77 0.02 -21.44
CA GLN A 626 -5.08 0.65 -22.56
C GLN A 626 -4.46 1.98 -22.15
N LYS A 627 -5.25 2.83 -21.49
CA LYS A 627 -4.81 4.19 -21.17
C LYS A 627 -3.62 4.17 -20.24
N THR A 628 -3.66 3.31 -19.20
CA THR A 628 -2.53 3.10 -18.32
C THR A 628 -1.30 2.69 -19.12
N TYR A 629 -1.49 1.71 -20.02
CA TYR A 629 -0.41 1.33 -20.92
C TYR A 629 -0.03 2.52 -21.80
N ASN A 630 -1.04 3.23 -22.32
CA ASN A 630 -0.76 4.41 -23.12
C ASN A 630 -0.19 5.54 -22.28
N GLU A 631 -0.36 5.46 -20.95
CA GLU A 631 0.40 6.33 -20.08
C GLU A 631 1.83 5.83 -19.96
N ALA A 632 1.99 4.54 -19.64
CA ALA A 632 3.30 3.96 -19.37
C ALA A 632 4.18 3.99 -20.61
N LEU A 633 3.62 3.55 -21.74
CA LEU A 633 4.33 3.61 -23.02
C LEU A 633 4.64 5.05 -23.40
N ALA A 634 3.85 6.02 -22.90
CA ALA A 634 4.21 7.42 -23.06
C ALA A 634 5.54 7.71 -22.37
N ARG A 635 5.64 7.34 -21.09
CA ARG A 635 6.81 7.72 -20.29
C ARG A 635 8.08 7.10 -20.84
N VAL A 636 8.05 5.79 -21.14
CA VAL A 636 9.22 5.12 -21.68
C VAL A 636 9.53 5.58 -23.10
N GLN A 637 8.56 6.21 -23.78
CA GLN A 637 8.88 6.82 -25.06
C GLN A 637 9.64 8.12 -24.84
N ARG A 638 9.26 8.89 -23.82
CA ARG A 638 9.94 10.15 -23.58
C ARG A 638 11.24 9.95 -22.81
N ALA A 639 11.29 8.91 -21.96
CA ALA A 639 12.46 8.66 -21.11
C ALA A 639 13.71 8.42 -21.94
N VAL A 640 13.60 7.55 -22.95
CA VAL A 640 14.70 7.36 -23.88
C VAL A 640 14.89 8.59 -24.76
N GLN A 641 13.81 9.34 -25.03
CA GLN A 641 13.91 10.52 -25.89
C GLN A 641 14.65 11.65 -25.20
N MET A 642 14.44 11.83 -23.91
CA MET A 642 15.02 12.93 -23.14
C MET A 642 16.38 12.57 -22.51
N ASP A 643 16.84 11.33 -22.67
CA ASP A 643 18.06 10.86 -22.05
C ASP A 643 19.09 10.55 -23.12
N GLU A 644 20.34 10.95 -22.87
CA GLU A 644 21.47 10.62 -23.71
C GLU A 644 22.21 9.38 -23.22
N LEU A 645 21.67 8.70 -22.21
CA LEU A 645 22.22 7.47 -21.62
C LEU A 645 23.64 7.68 -21.10
N VAL A 646 23.71 8.54 -20.10
CA VAL A 646 24.97 8.85 -19.42
C VAL A 646 24.89 8.22 -18.02
N PRO A 647 26.03 7.86 -17.43
CA PRO A 647 26.02 7.30 -16.07
C PRO A 647 25.50 8.31 -15.05
N LEU A 648 24.56 7.87 -14.23
CA LEU A 648 23.93 8.71 -13.21
C LEU A 648 24.89 8.85 -12.03
N GLY A 649 25.81 9.79 -12.15
CA GLY A 649 26.77 10.05 -11.09
C GLY A 649 27.86 9.00 -11.01
N GLU A 650 28.66 9.05 -9.95
CA GLU A 650 29.76 8.11 -9.74
C GLU A 650 29.56 7.24 -8.51
N LEU A 651 28.31 7.07 -8.08
CA LEU A 651 28.01 6.22 -6.93
C LEU A 651 27.11 5.06 -7.35
N THR A 652 26.33 5.27 -8.41
CA THR A 652 25.49 4.24 -8.98
C THR A 652 25.74 4.17 -10.48
N LYS A 653 25.41 3.04 -11.09
CA LYS A 653 25.73 2.77 -12.48
C LYS A 653 24.45 2.44 -13.25
N HIS A 654 23.78 3.48 -13.73
CA HIS A 654 22.70 3.42 -14.73
C HIS A 654 22.47 4.85 -15.18
N SER A 655 21.38 5.08 -15.90
CA SER A 655 20.95 6.42 -16.30
C SER A 655 19.59 6.74 -15.71
N THR A 656 19.07 7.92 -16.10
CA THR A 656 17.75 8.35 -15.66
C THR A 656 16.64 7.49 -16.23
N SER A 657 16.91 6.75 -17.31
CA SER A 657 15.92 5.83 -17.84
C SER A 657 15.63 4.70 -16.86
N ALA A 658 16.62 4.31 -16.05
CA ALA A 658 16.42 3.23 -15.09
C ALA A 658 15.53 3.66 -13.92
N VAL A 659 15.79 4.84 -13.36
CA VAL A 659 14.94 5.32 -12.28
C VAL A 659 13.57 5.69 -12.82
N ASP A 660 13.51 6.12 -14.08
CA ASP A 660 12.21 6.34 -14.72
C ASP A 660 11.46 5.03 -14.92
N LEU A 661 12.19 3.94 -15.19
CA LEU A 661 11.58 2.61 -15.19
C LEU A 661 11.00 2.27 -13.83
N SER A 662 11.76 2.54 -12.77
CA SER A 662 11.31 2.23 -11.42
C SER A 662 10.02 2.98 -11.10
N THR A 663 9.99 4.28 -11.43
CA THR A 663 8.78 5.07 -11.20
C THR A 663 7.63 4.63 -12.11
N CYS A 664 7.90 4.26 -13.36
CA CYS A 664 6.83 3.91 -14.28
C CYS A 664 6.21 2.57 -13.94
N PHE A 665 7.04 1.57 -13.65
CA PHE A 665 6.52 0.27 -13.25
C PHE A 665 5.87 0.35 -11.88
N ALA A 666 6.38 1.21 -10.98
CA ALA A 666 5.69 1.46 -9.73
C ALA A 666 4.35 2.14 -9.97
N GLN A 667 4.24 2.98 -11.00
CA GLN A 667 2.97 3.60 -11.35
C GLN A 667 1.98 2.58 -11.88
N ILE A 668 2.47 1.63 -12.69
CA ILE A 668 1.65 0.53 -13.20
C ILE A 668 1.11 -0.31 -12.05
N SER A 669 2.01 -0.69 -11.14
CA SER A 669 1.59 -1.47 -9.98
C SER A 669 0.69 -0.65 -9.05
N HIS A 670 0.90 0.66 -8.99
CA HIS A 670 0.06 1.54 -8.18
C HIS A 670 -1.35 1.63 -8.76
N THR A 671 -1.45 1.67 -10.09
CA THR A 671 -2.74 1.65 -10.77
C THR A 671 -3.44 0.32 -10.53
N ALA A 672 -2.68 -0.78 -10.57
CA ALA A 672 -3.24 -2.09 -10.30
C ALA A 672 -3.74 -2.21 -8.87
N ARG A 673 -3.03 -1.62 -7.91
CA ARG A 673 -3.47 -1.62 -6.51
C ARG A 673 -4.64 -0.67 -6.29
N GLN A 674 -4.63 0.46 -7.00
CA GLN A 674 -5.67 1.47 -6.90
C GLN A 674 -7.00 0.94 -7.42
N LEU A 675 -6.95 0.14 -8.49
CA LEU A 675 -8.13 -0.54 -8.98
C LEU A 675 -8.66 -1.51 -7.93
N ASP A 676 -7.88 -2.53 -7.59
CA ASP A 676 -8.18 -3.53 -6.56
C ASP A 676 -9.54 -4.19 -6.79
N TRP A 677 -9.60 -4.92 -7.89
CA TRP A 677 -10.86 -5.52 -8.33
C TRP A 677 -11.22 -6.68 -7.42
N PRO A 678 -12.36 -6.65 -6.72
CA PRO A 678 -12.69 -7.72 -5.78
C PRO A 678 -13.16 -9.00 -6.42
N ASP A 679 -13.64 -8.95 -7.67
CA ASP A 679 -13.99 -10.15 -8.41
C ASP A 679 -12.75 -10.95 -8.77
N PRO A 680 -12.74 -12.27 -8.55
CA PRO A 680 -11.46 -13.01 -8.62
C PRO A 680 -10.90 -13.23 -10.02
N GLU A 681 -11.72 -13.82 -10.91
CA GLU A 681 -11.22 -14.24 -12.22
C GLU A 681 -10.86 -13.04 -13.09
N GLU A 682 -11.67 -11.99 -13.03
CA GLU A 682 -11.32 -10.78 -13.77
C GLU A 682 -10.07 -10.12 -13.20
N ALA A 683 -9.88 -10.16 -11.88
CA ALA A 683 -8.66 -9.61 -11.29
C ALA A 683 -7.42 -10.37 -11.78
N PHE A 684 -7.53 -11.69 -11.87
CA PHE A 684 -6.49 -12.50 -12.49
C PHE A 684 -6.25 -12.07 -13.93
N MET A 685 -7.35 -11.80 -14.66
CA MET A 685 -7.27 -11.42 -16.06
C MET A 685 -6.57 -10.07 -16.23
N ILE A 686 -6.90 -9.08 -15.38
CA ILE A 686 -6.20 -7.79 -15.38
C ILE A 686 -4.74 -7.95 -14.96
N THR A 687 -4.46 -8.87 -14.04
CA THR A 687 -3.07 -9.07 -13.63
C THR A 687 -2.24 -9.65 -14.77
N VAL A 688 -2.81 -10.60 -15.53
CA VAL A 688 -2.14 -11.11 -16.72
C VAL A 688 -1.97 -10.00 -17.75
N LYS A 689 -2.97 -9.13 -17.88
CA LYS A 689 -2.88 -8.01 -18.80
C LYS A 689 -1.74 -7.06 -18.41
N PHE A 690 -1.61 -6.76 -17.12
CA PHE A 690 -0.56 -5.87 -16.66
C PHE A 690 0.81 -6.53 -16.75
N VAL A 691 0.88 -7.85 -16.55
CA VAL A 691 2.15 -8.56 -16.71
C VAL A 691 2.60 -8.54 -18.16
N GLU A 692 1.68 -8.79 -19.10
CA GLU A 692 2.06 -8.70 -20.50
C GLU A 692 2.36 -7.27 -20.91
N ASP A 693 1.67 -6.28 -20.33
CA ASP A 693 1.99 -4.88 -20.60
C ASP A 693 3.40 -4.54 -20.13
N THR A 694 3.79 -5.03 -18.94
CA THR A 694 5.13 -4.75 -18.42
C THR A 694 6.20 -5.49 -19.24
N CYS A 695 5.93 -6.73 -19.64
CA CYS A 695 6.90 -7.46 -20.46
C CYS A 695 7.03 -6.83 -21.86
N ARG A 696 5.90 -6.41 -22.43
CA ARG A 696 5.92 -5.74 -23.73
C ARG A 696 6.65 -4.40 -23.64
N LEU A 697 6.46 -3.68 -22.53
CA LEU A 697 7.22 -2.46 -22.30
C LEU A 697 8.69 -2.74 -22.12
N ALA A 698 9.04 -3.88 -21.51
CA ALA A 698 10.44 -4.27 -21.39
C ALA A 698 11.06 -4.47 -22.77
N LEU A 699 10.39 -5.24 -23.63
CA LEU A 699 10.89 -5.46 -25.00
C LEU A 699 10.94 -4.16 -25.79
N VAL A 700 9.91 -3.32 -25.64
CA VAL A 700 9.86 -2.04 -26.33
C VAL A 700 11.03 -1.16 -25.90
N TYR A 701 11.29 -1.09 -24.59
CA TYR A 701 12.33 -0.24 -24.04
C TYR A 701 13.69 -0.74 -24.53
N CYS A 702 13.86 -2.07 -24.58
CA CYS A 702 15.10 -2.64 -25.10
C CYS A 702 15.34 -2.22 -26.54
N SER A 703 14.29 -2.27 -27.36
CA SER A 703 14.43 -1.82 -28.74
C SER A 703 14.75 -0.33 -28.82
N LEU A 704 14.18 0.48 -27.92
CA LEU A 704 14.49 1.91 -27.95
C LEU A 704 15.93 2.20 -27.52
N ILE A 705 16.45 1.49 -26.51
CA ILE A 705 17.83 1.80 -26.13
C ILE A 705 18.81 1.27 -27.16
N LYS A 706 18.48 0.15 -27.82
CA LYS A 706 19.33 -0.31 -28.91
C LYS A 706 19.31 0.68 -30.08
N ALA A 707 18.13 1.20 -30.41
CA ALA A 707 18.03 2.22 -31.45
C ALA A 707 18.71 3.52 -31.05
N ARG A 708 18.63 3.89 -29.77
CA ARG A 708 19.27 5.12 -29.29
C ARG A 708 20.79 4.97 -29.33
N ALA A 709 21.31 3.79 -28.99
CA ALA A 709 22.73 3.52 -29.12
C ALA A 709 23.16 3.57 -30.59
N ARG A 710 22.33 3.04 -31.48
CA ARG A 710 22.63 3.13 -32.92
C ARG A 710 22.63 4.58 -33.40
N GLU A 711 21.66 5.37 -32.93
CA GLU A 711 21.56 6.77 -33.29
C GLU A 711 22.77 7.57 -32.80
N LEU A 712 23.20 7.29 -31.58
CA LEU A 712 24.39 7.94 -31.04
C LEU A 712 25.66 7.49 -31.75
N SER A 713 25.73 6.21 -32.14
CA SER A 713 26.89 5.71 -32.85
C SER A 713 26.96 6.26 -34.27
N SER A 714 25.82 6.68 -34.82
CA SER A 714 25.86 7.44 -36.07
C SER A 714 26.30 8.90 -35.85
N GLY A 715 26.39 9.34 -34.61
CA GLY A 715 26.83 10.70 -34.31
C GLY A 715 28.32 10.81 -34.07
N GLN A 716 28.86 10.00 -33.17
CA GLN A 716 30.29 10.00 -32.86
C GLN A 716 30.91 8.69 -33.34
N LYS A 717 32.24 8.65 -33.35
CA LYS A 717 32.95 7.47 -33.83
C LYS A 717 34.07 7.03 -32.88
N ASP A 718 33.99 7.38 -31.60
CA ASP A 718 35.01 6.98 -30.64
C ASP A 718 34.78 5.55 -30.17
N GLN A 719 35.87 4.79 -30.06
CA GLN A 719 35.78 3.43 -29.56
C GLN A 719 35.38 3.40 -28.09
N GLY A 720 35.98 4.29 -27.29
CA GLY A 720 35.65 4.34 -25.87
C GLY A 720 34.24 4.82 -25.60
N GLN A 721 33.75 5.77 -26.39
CA GLN A 721 32.38 6.24 -26.24
C GLN A 721 31.38 5.14 -26.56
N ALA A 722 31.62 4.40 -27.65
CA ALA A 722 30.74 3.28 -27.99
C ALA A 722 30.81 2.18 -26.94
N ALA A 723 32.01 1.93 -26.40
CA ALA A 723 32.18 0.90 -25.37
C ALA A 723 31.40 1.25 -24.11
N ASN A 724 31.58 2.47 -23.59
CA ASN A 724 30.86 2.85 -22.38
C ASN A 724 29.38 3.04 -22.65
N MET A 725 28.99 3.34 -23.89
CA MET A 725 27.57 3.40 -24.25
C MET A 725 26.94 2.01 -24.14
N LEU A 726 27.62 1.00 -24.69
CA LEU A 726 27.16 -0.38 -24.53
C LEU A 726 27.13 -0.79 -23.07
N CYS A 727 28.09 -0.29 -22.29
CA CYS A 727 28.11 -0.56 -20.86
C CYS A 727 26.85 -0.01 -20.19
N VAL A 728 26.54 1.28 -20.39
CA VAL A 728 25.43 1.88 -19.66
C VAL A 728 24.11 1.29 -20.15
N VAL A 729 24.06 0.89 -21.43
CA VAL A 729 22.89 0.16 -21.92
C VAL A 729 22.70 -1.14 -21.16
N VAL A 730 23.77 -1.92 -20.95
CA VAL A 730 23.54 -3.19 -20.28
C VAL A 730 23.31 -3.03 -18.78
N ASN A 731 23.82 -1.95 -18.15
CA ASN A 731 23.39 -1.73 -16.75
C ASN A 731 21.93 -1.32 -16.68
N ASP A 732 21.44 -0.58 -17.69
CA ASP A 732 20.01 -0.29 -17.75
C ASP A 732 19.19 -1.57 -17.90
N MET A 733 19.70 -2.50 -18.71
CA MET A 733 19.03 -3.79 -18.87
C MET A 733 19.03 -4.59 -17.56
N GLU A 734 20.14 -4.53 -16.82
CA GLU A 734 20.23 -5.19 -15.52
C GLU A 734 19.27 -4.57 -14.52
N GLN A 735 19.14 -3.24 -14.56
CA GLN A 735 18.17 -2.57 -13.69
C GLN A 735 16.75 -2.97 -14.05
N LEU A 736 16.45 -3.09 -15.34
CA LEU A 736 15.15 -3.59 -15.76
C LEU A 736 14.93 -5.03 -15.34
N ARG A 737 15.98 -5.85 -15.32
CA ARG A 737 15.88 -7.20 -14.80
C ARG A 737 15.52 -7.20 -13.32
N LEU A 738 16.12 -6.28 -12.55
CA LEU A 738 15.76 -6.14 -11.14
C LEU A 738 14.30 -5.71 -10.98
N VAL A 739 13.84 -4.78 -11.83
CA VAL A 739 12.45 -4.32 -11.77
C VAL A 739 11.49 -5.46 -12.11
N ILE A 740 11.83 -6.26 -13.12
CA ILE A 740 10.98 -7.37 -13.52
C ILE A 740 10.97 -8.45 -12.44
N GLY A 741 12.10 -8.65 -11.77
CA GLY A 741 12.15 -9.52 -10.61
C GLY A 741 11.33 -9.01 -9.44
N LYS A 742 11.23 -7.68 -9.33
CA LYS A 742 10.40 -7.05 -8.31
C LYS A 742 8.92 -7.05 -8.66
N LEU A 743 8.59 -7.26 -9.93
CA LEU A 743 7.19 -7.28 -10.37
C LEU A 743 6.28 -8.28 -9.64
N PRO A 744 6.67 -9.52 -9.32
CA PRO A 744 5.79 -10.35 -8.48
C PRO A 744 5.53 -9.78 -7.09
N ALA A 745 6.43 -8.95 -6.57
CA ALA A 745 6.18 -8.25 -5.31
C ALA A 745 5.40 -6.97 -5.54
N GLN A 746 5.66 -6.28 -6.65
CA GLN A 746 4.95 -5.03 -6.94
C GLN A 746 3.49 -5.28 -7.29
N LEU A 747 3.24 -6.26 -8.17
CA LEU A 747 1.87 -6.59 -8.55
C LEU A 747 1.20 -7.53 -7.57
N ALA A 748 1.95 -8.04 -6.58
CA ALA A 748 1.45 -8.88 -5.49
C ALA A 748 0.77 -10.15 -6.03
N TRP A 749 1.58 -10.98 -6.70
CA TRP A 749 1.10 -12.28 -7.13
C TRP A 749 0.88 -13.25 -5.98
N GLU A 750 1.58 -13.06 -4.86
CA GLU A 750 1.39 -13.93 -3.71
C GLU A 750 0.00 -13.79 -3.13
N ALA A 751 -0.50 -12.55 -3.05
CA ALA A 751 -1.87 -12.32 -2.64
C ALA A 751 -2.87 -12.61 -3.76
N LEU A 752 -2.41 -12.77 -4.99
CA LEU A 752 -3.28 -13.12 -6.11
C LEU A 752 -3.56 -14.62 -6.13
N GLU A 753 -2.50 -15.42 -6.03
CA GLU A 753 -2.61 -16.86 -6.23
C GLU A 753 -3.38 -17.54 -5.10
N GLN A 754 -3.55 -16.86 -3.96
CA GLN A 754 -4.33 -17.41 -2.87
C GLN A 754 -5.83 -17.36 -3.14
N ARG A 755 -6.27 -16.53 -4.09
CA ARG A 755 -7.68 -16.41 -4.40
C ARG A 755 -8.05 -16.83 -5.82
N VAL A 756 -7.08 -16.93 -6.73
CA VAL A 756 -7.38 -17.33 -8.10
C VAL A 756 -6.86 -18.74 -8.33
N GLY A 757 -6.44 -19.42 -7.27
CA GLY A 757 -6.00 -20.79 -7.38
C GLY A 757 -7.12 -21.78 -7.09
N ALA A 758 -8.33 -21.26 -6.89
CA ALA A 758 -9.44 -22.12 -6.49
C ALA A 758 -10.09 -22.79 -7.70
N VAL A 759 -10.52 -22.00 -8.69
CA VAL A 759 -11.21 -22.53 -9.86
C VAL A 759 -10.31 -22.71 -11.07
N LEU A 760 -9.06 -22.27 -10.99
CA LEU A 760 -8.13 -22.41 -12.11
C LEU A 760 -7.48 -23.79 -12.07
N GLU A 761 -6.59 -24.06 -13.02
CA GLU A 761 -5.95 -25.36 -13.14
C GLU A 761 -4.51 -25.25 -12.67
N GLN A 762 -3.92 -26.41 -12.37
CA GLN A 762 -2.53 -26.46 -11.94
C GLN A 762 -1.61 -26.10 -13.11
N GLY A 763 -0.54 -25.40 -12.80
CA GLY A 763 0.41 -24.96 -13.82
C GLY A 763 -0.03 -23.75 -14.61
N GLN A 764 -1.32 -23.43 -14.56
CA GLN A 764 -1.86 -22.28 -15.29
C GLN A 764 -1.33 -20.97 -14.71
N LEU A 765 -1.18 -20.92 -13.37
CA LEU A 765 -0.66 -19.71 -12.74
C LEU A 765 0.80 -19.49 -13.12
N GLN A 766 1.59 -20.56 -13.18
CA GLN A 766 2.98 -20.44 -13.61
C GLN A 766 3.10 -20.19 -15.11
N ASN A 767 2.08 -20.58 -15.88
CA ASN A 767 2.15 -20.39 -17.33
C ASN A 767 1.74 -18.97 -17.72
N THR A 768 0.56 -18.53 -17.29
CA THR A 768 0.07 -17.22 -17.69
C THR A 768 0.89 -16.10 -17.07
N LEU A 769 1.34 -16.28 -15.83
CA LEU A 769 2.03 -15.21 -15.11
C LEU A 769 3.54 -15.38 -15.11
N HIS A 770 4.03 -16.52 -14.59
CA HIS A 770 5.46 -16.69 -14.37
C HIS A 770 6.22 -16.94 -15.67
N ALA A 771 5.59 -17.63 -16.64
CA ALA A 771 6.34 -18.07 -17.81
C ALA A 771 6.66 -16.92 -18.76
N GLN A 772 5.73 -15.98 -18.94
CA GLN A 772 6.05 -14.83 -19.78
C GLN A 772 7.03 -13.89 -19.09
N LEU A 773 7.01 -13.83 -17.76
CA LEU A 773 8.03 -13.10 -17.03
C LEU A 773 9.40 -13.73 -17.22
N GLN A 774 9.47 -15.06 -17.17
CA GLN A 774 10.73 -15.75 -17.40
C GLN A 774 11.21 -15.58 -18.85
N SER A 775 10.27 -15.56 -19.80
CA SER A 775 10.64 -15.29 -21.18
C SER A 775 11.12 -13.86 -21.37
N ALA A 776 10.54 -12.91 -20.62
CA ALA A 776 11.03 -11.53 -20.64
C ALA A 776 12.45 -11.45 -20.06
N LEU A 777 12.71 -12.19 -18.99
CA LEU A 777 14.06 -12.26 -18.43
C LEU A 777 15.04 -12.91 -19.40
N ALA A 778 14.60 -13.93 -20.14
CA ALA A 778 15.46 -14.55 -21.15
C ALA A 778 15.72 -13.60 -22.31
N GLY A 779 14.71 -12.84 -22.71
CA GLY A 779 14.90 -11.83 -23.74
C GLY A 779 15.74 -10.65 -23.29
N LEU A 780 15.80 -10.41 -21.98
CA LEU A 780 16.80 -9.50 -21.43
C LEU A 780 18.18 -10.13 -21.43
N GLY A 781 18.25 -11.44 -21.15
CA GLY A 781 19.50 -12.18 -21.19
C GLY A 781 20.14 -12.08 -22.56
N HIS A 782 19.34 -12.30 -23.60
CA HIS A 782 19.77 -11.85 -24.93
C HIS A 782 19.93 -10.34 -24.91
N GLU A 783 21.11 -9.88 -25.33
CA GLU A 783 21.60 -8.49 -25.34
C GLU A 783 21.94 -8.00 -23.92
N ILE A 784 21.71 -8.84 -22.90
CA ILE A 784 22.59 -8.81 -21.73
C ILE A 784 23.78 -9.72 -21.95
N ARG A 785 23.53 -10.95 -22.38
CA ARG A 785 24.58 -11.87 -22.80
C ARG A 785 24.97 -11.70 -24.27
N THR A 786 24.67 -10.53 -24.86
CA THR A 786 25.27 -10.14 -26.12
C THR A 786 25.95 -8.78 -26.04
N GLY A 787 25.46 -7.88 -25.18
CA GLY A 787 26.21 -6.69 -24.85
C GLY A 787 27.44 -7.02 -24.05
N VAL A 788 27.29 -7.94 -23.08
CA VAL A 788 28.45 -8.46 -22.36
C VAL A 788 29.31 -9.30 -23.30
N ARG A 789 28.67 -10.05 -24.21
CA ARG A 789 29.41 -10.89 -25.14
C ARG A 789 30.23 -10.08 -26.12
N THR A 790 29.81 -8.86 -26.45
CA THR A 790 30.61 -8.02 -27.35
C THR A 790 31.91 -7.59 -26.70
N LEU A 791 31.82 -7.09 -25.46
CA LEU A 791 33.01 -6.71 -24.70
C LEU A 791 33.87 -7.94 -24.40
N ALA A 792 33.21 -9.08 -24.16
CA ALA A 792 33.92 -10.33 -23.93
C ALA A 792 34.66 -10.79 -25.18
N GLU A 793 34.07 -10.58 -26.36
CA GLU A 793 34.74 -10.91 -27.60
C GLU A 793 35.96 -10.02 -27.82
N GLN A 794 35.82 -8.72 -27.54
CA GLN A 794 36.96 -7.81 -27.66
C GLN A 794 38.09 -8.20 -26.69
N LEU A 795 37.73 -8.44 -25.43
CA LEU A 795 38.73 -8.78 -24.42
C LEU A 795 39.31 -10.17 -24.63
N GLU A 796 38.52 -11.11 -25.18
CA GLU A 796 39.03 -12.43 -25.48
C GLU A 796 39.97 -12.39 -26.68
N VAL A 797 39.69 -11.53 -27.66
CA VAL A 797 40.63 -11.30 -28.76
C VAL A 797 41.95 -10.75 -28.20
N GLY A 798 41.85 -9.80 -27.27
CA GLY A 798 43.05 -9.26 -26.64
C GLY A 798 43.83 -10.30 -25.86
N ILE A 799 43.13 -11.12 -25.08
CA ILE A 799 43.79 -12.16 -24.28
C ILE A 799 44.43 -13.20 -25.17
N ALA A 800 43.74 -13.64 -26.22
CA ALA A 800 44.27 -14.65 -27.12
C ALA A 800 45.47 -14.13 -27.90
N LYS A 801 45.42 -12.88 -28.37
CA LYS A 801 46.58 -12.34 -29.09
C LYS A 801 47.75 -12.09 -28.14
N HIS A 802 47.47 -11.76 -26.87
CA HIS A 802 48.55 -11.63 -25.89
C HIS A 802 49.20 -12.97 -25.59
N ILE A 803 48.38 -14.03 -25.50
CA ILE A 803 48.91 -15.37 -25.27
C ILE A 803 49.74 -15.83 -26.47
N GLN A 804 49.24 -15.59 -27.68
CA GLN A 804 49.95 -15.99 -28.88
C GLN A 804 51.23 -15.18 -29.10
N LYS A 805 51.27 -13.93 -28.65
CA LYS A 805 52.52 -13.18 -28.68
C LYS A 805 53.43 -13.53 -27.51
N LEU A 806 52.87 -14.13 -26.44
CA LEU A 806 53.66 -14.58 -25.31
C LEU A 806 54.40 -15.87 -25.62
N VAL A 807 53.76 -16.78 -26.36
CA VAL A 807 54.45 -18.02 -26.72
C VAL A 807 55.45 -17.76 -27.84
N GLY A 808 55.33 -16.63 -28.53
CA GLY A 808 56.26 -16.27 -29.58
C GLY A 808 57.57 -15.66 -29.11
N VAL A 809 57.69 -15.35 -27.83
CA VAL A 809 58.92 -14.82 -27.27
C VAL A 809 59.93 -15.96 -27.21
N ARG A 810 61.22 -15.61 -27.22
CA ARG A 810 62.31 -16.57 -27.15
C ARG A 810 62.28 -17.32 -25.83
N GLU A 811 62.83 -18.54 -25.81
CA GLU A 811 62.81 -19.37 -24.63
C GLU A 811 64.02 -19.15 -23.72
N SER A 812 64.88 -18.20 -24.06
CA SER A 812 66.06 -17.89 -23.27
C SER A 812 65.83 -16.75 -22.28
N VAL A 813 64.58 -16.38 -22.05
CA VAL A 813 64.23 -15.29 -21.15
C VAL A 813 63.52 -15.90 -19.94
N LEU A 814 63.65 -15.23 -18.79
CA LEU A 814 63.01 -15.69 -17.57
C LEU A 814 61.48 -15.60 -17.69
N PRO A 815 60.74 -16.48 -17.00
CA PRO A 815 59.28 -16.49 -17.17
C PRO A 815 58.53 -15.44 -16.36
N GLU A 816 59.23 -14.40 -15.90
CA GLU A 816 58.59 -13.36 -15.10
C GLU A 816 58.37 -12.04 -15.81
N ASP A 817 59.05 -11.77 -16.93
CA ASP A 817 58.89 -10.51 -17.64
C ASP A 817 58.02 -10.64 -18.89
N ALA A 818 57.66 -11.87 -19.28
CA ALA A 818 56.78 -12.09 -20.42
C ALA A 818 55.31 -11.96 -20.04
N ILE A 819 54.99 -12.13 -18.76
CA ILE A 819 53.62 -12.04 -18.27
C ILE A 819 53.15 -10.59 -18.18
N LEU A 820 54.10 -9.64 -18.08
CA LEU A 820 53.79 -8.24 -17.81
C LEU A 820 52.81 -7.59 -18.78
N PRO A 821 52.95 -7.69 -20.12
CA PRO A 821 52.01 -6.96 -20.99
C PRO A 821 50.58 -7.51 -20.94
N LEU A 822 50.42 -8.83 -21.00
CA LEU A 822 49.10 -9.45 -20.90
C LEU A 822 48.47 -9.14 -19.54
N MET A 823 49.28 -9.20 -18.48
CA MET A 823 48.77 -8.97 -17.14
C MET A 823 48.32 -7.54 -16.95
N LYS A 824 49.11 -6.57 -17.42
CA LYS A 824 48.73 -5.18 -17.27
C LYS A 824 47.53 -4.84 -18.16
N PHE A 825 47.43 -5.47 -19.34
CA PHE A 825 46.29 -5.22 -20.22
C PHE A 825 45.00 -5.74 -19.59
N LEU A 826 45.04 -6.99 -19.11
CA LEU A 826 43.86 -7.58 -18.49
C LEU A 826 43.47 -6.81 -17.24
N GLU A 827 44.46 -6.45 -16.42
CA GLU A 827 44.20 -5.71 -15.19
C GLU A 827 43.58 -4.35 -15.48
N VAL A 828 44.20 -3.56 -16.37
CA VAL A 828 43.70 -2.21 -16.61
C VAL A 828 42.36 -2.22 -17.33
N GLU A 829 42.13 -3.17 -18.25
CA GLU A 829 40.87 -3.17 -18.98
C GLU A 829 39.73 -3.67 -18.09
N LEU A 830 39.91 -4.80 -17.40
CA LEU A 830 38.86 -5.27 -16.51
C LEU A 830 38.72 -4.40 -15.27
N CYS A 831 39.70 -3.53 -14.98
CA CYS A 831 39.68 -2.83 -13.72
C CYS A 831 39.27 -1.38 -13.91
N TYR A 832 39.31 -0.89 -15.15
CA TYR A 832 38.46 0.21 -15.59
C TYR A 832 37.02 -0.26 -15.75
N MET A 833 36.81 -1.47 -16.27
CA MET A 833 35.48 -1.90 -16.65
C MET A 833 34.62 -2.32 -15.45
N ASN A 834 35.22 -2.57 -14.28
CA ASN A 834 34.42 -2.87 -13.10
C ASN A 834 33.74 -1.63 -12.52
N THR A 835 34.40 -0.47 -12.58
CA THR A 835 33.78 0.76 -12.10
C THR A 835 32.67 1.22 -13.04
N ASN A 836 32.70 0.76 -14.30
CA ASN A 836 31.73 1.14 -15.31
C ASN A 836 30.58 0.15 -15.42
N LEU A 837 30.61 -0.95 -14.67
CA LEU A 837 29.60 -1.99 -14.81
C LEU A 837 29.10 -2.46 -13.45
N VAL A 838 27.83 -2.85 -13.41
CA VAL A 838 27.26 -3.44 -12.20
C VAL A 838 27.95 -4.79 -11.94
N GLN A 839 27.99 -5.17 -10.66
CA GLN A 839 28.75 -6.33 -10.20
C GLN A 839 28.21 -7.62 -10.81
N GLU A 840 26.89 -7.71 -10.97
CA GLU A 840 26.28 -8.92 -11.53
C GLU A 840 26.66 -9.11 -12.99
N ASN A 841 26.50 -8.07 -13.81
CA ASN A 841 26.97 -8.13 -15.19
C ASN A 841 28.48 -8.29 -15.27
N PHE A 842 29.22 -7.69 -14.34
CA PHE A 842 30.65 -7.94 -14.26
C PHE A 842 30.99 -9.37 -13.87
N SER A 843 30.17 -9.99 -13.01
CA SER A 843 30.37 -11.40 -12.68
C SER A 843 30.13 -12.29 -13.90
N SER A 844 29.09 -11.98 -14.68
CA SER A 844 28.82 -12.73 -15.90
C SER A 844 29.95 -12.56 -16.92
N LEU A 845 30.43 -11.33 -17.06
CA LEU A 845 31.57 -11.06 -17.94
C LEU A 845 32.83 -11.78 -17.47
N LEU A 846 33.05 -11.84 -16.15
CA LEU A 846 34.20 -12.56 -15.61
C LEU A 846 34.10 -14.04 -15.91
N THR A 847 32.91 -14.63 -15.75
CA THR A 847 32.77 -16.06 -16.02
C THR A 847 32.99 -16.38 -17.50
N LEU A 848 32.43 -15.55 -18.39
CA LEU A 848 32.64 -15.76 -19.81
C LEU A 848 34.11 -15.58 -20.20
N LEU A 849 34.77 -14.56 -19.64
CA LEU A 849 36.18 -14.35 -19.93
C LEU A 849 37.05 -15.47 -19.39
N TRP A 850 36.69 -16.01 -18.22
CA TRP A 850 37.45 -17.12 -17.63
C TRP A 850 37.32 -18.37 -18.49
N THR A 851 36.10 -18.67 -18.95
CA THR A 851 35.88 -19.80 -19.83
C THR A 851 36.65 -19.65 -21.14
N HIS A 852 36.59 -18.46 -21.74
CA HIS A 852 37.29 -18.21 -22.98
C HIS A 852 38.81 -18.26 -22.83
N THR A 853 39.37 -17.72 -21.74
CA THR A 853 40.82 -17.79 -21.59
C THR A 853 41.29 -19.18 -21.20
N LEU A 854 40.45 -19.97 -20.53
CA LEU A 854 40.77 -21.38 -20.30
C LEU A 854 40.82 -22.14 -21.62
N THR A 855 39.86 -21.87 -22.50
CA THR A 855 39.85 -22.50 -23.83
C THR A 855 41.09 -22.08 -24.63
N VAL A 856 41.44 -20.80 -24.58
CA VAL A 856 42.61 -20.30 -25.30
C VAL A 856 43.89 -20.94 -24.76
N LEU A 857 44.00 -21.06 -23.44
CA LEU A 857 45.21 -21.65 -22.86
C LEU A 857 45.29 -23.15 -23.13
N VAL A 858 44.14 -23.83 -23.21
CA VAL A 858 44.15 -25.25 -23.54
C VAL A 858 44.60 -25.46 -25.00
N GLU A 859 44.04 -24.67 -25.92
CA GLU A 859 44.47 -24.78 -27.31
C GLU A 859 45.89 -24.27 -27.54
N ALA A 860 46.42 -23.42 -26.67
CA ALA A 860 47.80 -22.98 -26.75
C ALA A 860 48.76 -23.89 -25.99
N ALA A 861 48.25 -24.84 -25.20
CA ALA A 861 49.10 -25.77 -24.48
C ALA A 861 49.63 -26.89 -25.36
N ALA A 862 49.11 -27.04 -26.58
CA ALA A 862 49.58 -28.08 -27.50
C ALA A 862 50.55 -27.56 -28.55
N SER A 863 50.45 -26.28 -28.92
CA SER A 863 51.35 -25.69 -29.91
C SER A 863 52.60 -25.17 -29.19
N GLN A 864 53.41 -26.13 -28.72
CA GLN A 864 54.63 -25.83 -27.99
C GLN A 864 55.75 -26.72 -28.52
N ARG A 865 56.99 -26.26 -28.34
CA ARG A 865 58.13 -26.96 -28.89
C ARG A 865 58.41 -28.25 -28.14
N SER A 866 59.29 -29.08 -28.74
CA SER A 866 59.55 -30.41 -28.22
C SER A 866 60.27 -30.36 -26.87
N SER A 867 61.04 -29.30 -26.63
CA SER A 867 61.71 -29.15 -25.34
C SER A 867 60.72 -28.88 -24.21
N SER A 868 59.58 -28.25 -24.52
CA SER A 868 58.49 -27.98 -23.57
C SER A 868 58.96 -27.14 -22.38
N LEU A 869 59.92 -26.24 -22.61
CA LEU A 869 60.37 -25.38 -21.53
C LEU A 869 59.50 -24.12 -21.45
N ALA A 870 58.62 -23.92 -22.42
CA ALA A 870 57.61 -22.88 -22.30
C ALA A 870 56.42 -23.33 -21.46
N SER A 871 56.39 -24.60 -21.06
CA SER A 871 55.31 -25.10 -20.22
C SER A 871 55.35 -24.45 -18.84
N ASN A 872 56.55 -24.13 -18.33
CA ASN A 872 56.62 -23.37 -17.09
C ASN A 872 56.13 -21.94 -17.26
N ARG A 873 56.38 -21.34 -18.44
CA ARG A 873 55.81 -20.03 -18.73
C ARG A 873 54.28 -20.07 -18.74
N LEU A 874 53.71 -21.12 -19.33
CA LEU A 874 52.26 -21.27 -19.29
C LEU A 874 51.74 -21.60 -17.90
N LYS A 875 52.53 -22.27 -17.07
CA LYS A 875 52.12 -22.53 -15.69
C LYS A 875 52.10 -21.23 -14.89
N ILE A 876 53.12 -20.39 -15.08
CA ILE A 876 53.14 -19.05 -14.48
C ILE A 876 51.95 -18.24 -15.00
N ALA A 877 51.62 -18.42 -16.28
CA ALA A 877 50.48 -17.73 -16.88
C ALA A 877 49.17 -18.13 -16.22
N LEU A 878 48.97 -19.44 -16.03
CA LEU A 878 47.75 -19.91 -15.39
C LEU A 878 47.68 -19.49 -13.93
N GLN A 879 48.83 -19.49 -13.23
CA GLN A 879 48.85 -19.06 -11.83
C GLN A 879 48.50 -17.58 -11.70
N ASN A 880 49.08 -16.74 -12.56
CA ASN A 880 48.80 -15.30 -12.46
C ASN A 880 47.41 -14.96 -12.96
N LEU A 881 46.93 -15.67 -13.99
CA LEU A 881 45.56 -15.48 -14.46
C LEU A 881 44.55 -15.96 -13.43
N GLU A 882 44.88 -16.95 -12.62
CA GLU A 882 44.05 -17.30 -11.47
C GLU A 882 44.14 -16.25 -10.38
N ILE A 883 45.30 -15.63 -10.18
CA ILE A 883 45.44 -14.65 -9.11
C ILE A 883 45.00 -13.25 -9.53
N CYS A 884 44.89 -12.97 -10.83
CA CYS A 884 44.38 -11.68 -11.29
C CYS A 884 42.86 -11.67 -11.42
N PHE A 885 42.23 -12.84 -11.49
CA PHE A 885 40.79 -12.97 -11.41
C PHE A 885 40.30 -12.97 -9.96
N HIS A 886 41.23 -12.92 -9.00
CA HIS A 886 40.90 -13.03 -7.59
C HIS A 886 41.11 -11.73 -6.82
N ALA A 887 41.95 -10.81 -7.31
CA ALA A 887 42.31 -9.58 -6.60
C ALA A 887 41.08 -8.68 -6.45
N GLU A 888 40.72 -8.37 -5.20
CA GLU A 888 39.46 -7.69 -4.89
C GLU A 888 39.45 -6.27 -5.44
N GLY A 889 38.24 -5.83 -5.81
CA GLY A 889 38.04 -4.56 -6.48
C GLY A 889 37.91 -4.68 -7.97
N CYS A 890 38.75 -5.49 -8.60
CA CYS A 890 38.60 -5.84 -10.01
C CYS A 890 38.98 -7.29 -10.26
N GLY A 891 38.47 -8.18 -9.41
CA GLY A 891 38.56 -9.61 -9.65
C GLY A 891 37.71 -10.33 -8.62
N LEU A 892 37.00 -11.35 -9.11
CA LEU A 892 36.02 -12.02 -8.27
C LEU A 892 36.42 -13.49 -8.13
N PRO A 893 36.45 -13.99 -6.90
CA PRO A 893 37.22 -15.22 -6.59
C PRO A 893 36.66 -16.45 -7.31
N PRO A 894 37.45 -17.04 -8.22
CA PRO A 894 37.04 -18.31 -8.83
C PRO A 894 37.47 -19.50 -8.00
N LYS A 895 37.26 -19.44 -6.70
CA LYS A 895 37.68 -20.50 -5.80
C LYS A 895 36.57 -21.46 -5.44
N ALA A 896 35.31 -21.07 -5.64
CA ALA A 896 34.17 -21.95 -5.43
C ALA A 896 33.57 -22.48 -6.73
N LEU A 897 33.72 -21.75 -7.83
CA LEU A 897 33.19 -22.16 -9.13
C LEU A 897 34.35 -22.58 -10.01
N HIS A 898 34.62 -23.88 -10.04
CA HIS A 898 35.63 -24.47 -10.90
C HIS A 898 34.97 -25.26 -12.03
N THR A 899 35.75 -25.44 -13.10
CA THR A 899 35.32 -26.23 -14.25
C THR A 899 36.42 -27.21 -14.57
N ALA A 900 36.03 -28.39 -15.08
CA ALA A 900 36.96 -29.50 -15.30
C ALA A 900 38.10 -29.15 -16.24
N THR A 901 37.87 -28.16 -17.11
CA THR A 901 38.94 -27.65 -17.98
C THR A 901 40.08 -27.05 -17.17
N PHE A 902 39.77 -26.35 -16.08
CA PHE A 902 40.81 -25.72 -15.27
C PHE A 902 41.73 -26.76 -14.62
N GLN A 903 41.17 -27.73 -13.92
CA GLN A 903 42.01 -28.75 -13.28
C GLN A 903 42.69 -29.63 -14.31
N ALA A 904 42.00 -29.96 -15.41
CA ALA A 904 42.62 -30.76 -16.47
C ALA A 904 43.82 -30.04 -17.07
N LEU A 905 43.67 -28.74 -17.35
CA LEU A 905 44.76 -27.97 -17.94
C LEU A 905 45.92 -27.82 -16.96
N GLN A 906 45.63 -27.50 -15.69
CA GLN A 906 46.72 -27.28 -14.75
C GLN A 906 47.47 -28.57 -14.46
N ARG A 907 46.77 -29.71 -14.37
CA ARG A 907 47.46 -30.97 -14.13
C ARG A 907 48.25 -31.40 -15.36
N ASP A 908 47.65 -31.30 -16.56
CA ASP A 908 48.30 -31.75 -17.78
C ASP A 908 49.54 -30.90 -18.07
N LEU A 909 49.50 -29.61 -17.75
CA LEU A 909 50.62 -28.75 -18.05
C LEU A 909 51.63 -28.69 -16.91
N GLU A 910 51.22 -29.05 -15.68
CA GLU A 910 52.20 -29.26 -14.62
C GLU A 910 53.01 -30.51 -14.88
N LEU A 911 52.36 -31.55 -15.44
CA LEU A 911 53.11 -32.72 -15.89
C LEU A 911 53.90 -32.43 -17.16
N GLN A 912 53.59 -31.32 -17.83
CA GLN A 912 54.41 -30.89 -18.96
C GLN A 912 55.58 -30.00 -18.52
N ALA A 913 55.66 -29.64 -17.25
CA ALA A 913 56.64 -28.70 -16.75
C ALA A 913 57.41 -28.51 -15.45
N ALA A 914 58.71 -28.19 -15.55
CA ALA A 914 59.50 -28.02 -16.77
C ALA A 914 60.81 -28.52 -17.37
N SER A 915 61.44 -29.47 -16.69
CA SER A 915 62.73 -30.01 -17.11
C SER A 915 62.61 -31.52 -17.18
N SER A 916 63.62 -32.14 -17.80
CA SER A 916 63.63 -33.59 -18.00
C SER A 916 63.72 -34.32 -16.66
N ARG A 917 64.52 -33.80 -15.73
CA ARG A 917 64.70 -34.44 -14.43
C ARG A 917 63.39 -34.43 -13.63
N GLU A 918 62.63 -33.35 -13.75
CA GLU A 918 61.33 -33.29 -13.07
C GLU A 918 60.37 -34.33 -13.63
N LEU A 919 60.40 -34.55 -14.95
CA LEU A 919 59.56 -35.59 -15.55
C LEU A 919 60.00 -36.98 -15.12
N ILE A 920 61.31 -37.20 -14.99
CA ILE A 920 61.80 -38.49 -14.49
C ILE A 920 61.36 -38.72 -13.05
N ARG A 921 61.41 -37.67 -12.22
CA ARG A 921 60.95 -37.78 -10.84
C ARG A 921 59.45 -38.08 -10.77
N LYS A 922 58.65 -37.42 -11.64
CA LYS A 922 57.21 -37.67 -11.66
C LYS A 922 56.92 -39.09 -12.14
N TYR A 923 57.66 -39.57 -13.15
CA TYR A 923 57.52 -40.95 -13.59
C TYR A 923 57.87 -41.93 -12.48
N PHE A 924 58.92 -41.64 -11.71
CA PHE A 924 59.30 -42.56 -10.64
C PHE A 924 58.28 -42.57 -9.51
N CYS A 925 57.70 -41.40 -9.20
CA CYS A 925 56.64 -41.33 -8.21
C CYS A 925 55.40 -42.10 -8.67
N SER A 926 55.01 -41.92 -9.93
CA SER A 926 53.85 -42.63 -10.46
C SER A 926 54.11 -44.13 -10.54
N ARG A 927 55.34 -44.52 -10.89
CA ARG A 927 55.68 -45.92 -11.00
C ARG A 927 55.72 -46.61 -9.64
N ILE A 928 56.23 -45.92 -8.61
CA ILE A 928 56.20 -46.53 -7.29
C ILE A 928 54.79 -46.51 -6.70
N GLN A 929 53.94 -45.56 -7.10
CA GLN A 929 52.53 -45.61 -6.69
C GLN A 929 51.81 -46.78 -7.35
N GLN A 930 52.10 -47.05 -8.62
CA GLN A 930 51.54 -48.22 -9.29
C GLN A 930 52.09 -49.52 -8.72
N GLN A 931 53.38 -49.53 -8.34
CA GLN A 931 53.97 -50.71 -7.73
C GLN A 931 53.36 -51.00 -6.36
N ALA A 932 53.07 -49.94 -5.58
CA ALA A 932 52.34 -50.10 -4.33
C ALA A 932 50.91 -50.58 -4.56
N GLU A 933 50.33 -50.25 -5.73
CA GLU A 933 49.02 -50.76 -6.11
C GLU A 933 49.09 -52.14 -6.76
N THR A 934 50.29 -52.67 -6.96
CA THR A 934 50.48 -53.98 -7.58
C THR A 934 50.66 -55.03 -6.50
N THR A 935 49.90 -56.11 -6.59
CA THR A 935 50.00 -57.21 -5.64
C THR A 935 50.26 -58.57 -6.29
N SER A 936 50.41 -58.62 -7.62
CA SER A 936 50.63 -59.88 -8.32
C SER A 936 52.02 -60.41 -8.03
N GLU A 937 52.11 -61.70 -7.73
CA GLU A 937 53.38 -62.35 -7.40
C GLU A 937 54.05 -63.01 -8.60
N GLU A 938 53.43 -62.96 -9.78
CA GLU A 938 53.99 -63.63 -10.95
C GLU A 938 55.17 -62.88 -11.55
N LEU A 939 55.24 -61.57 -11.37
CA LEU A 939 56.31 -60.77 -11.96
C LEU A 939 57.61 -60.82 -11.16
N GLY A 940 57.61 -61.40 -9.97
CA GLY A 940 58.82 -61.49 -9.18
C GLY A 940 58.70 -60.74 -7.87
N ALA A 941 59.10 -61.39 -6.77
CA ALA A 941 59.04 -60.80 -5.44
C ALA A 941 60.41 -60.96 -4.79
N VAL A 942 61.14 -59.85 -4.66
CA VAL A 942 62.47 -59.84 -4.05
C VAL A 942 62.35 -59.38 -2.62
N THR A 943 62.97 -60.11 -1.69
CA THR A 943 62.89 -59.81 -0.27
C THR A 943 64.16 -59.11 0.18
N VAL A 944 64.00 -57.86 0.64
CA VAL A 944 65.11 -57.05 1.13
C VAL A 944 64.71 -56.41 2.45
N LYS A 945 65.72 -55.93 3.18
CA LYS A 945 65.60 -55.18 4.41
C LYS A 945 66.26 -53.84 4.19
N ALA A 946 65.63 -52.76 4.63
CA ALA A 946 66.16 -51.42 4.47
C ALA A 946 66.10 -50.67 5.80
N SER A 947 67.21 -50.04 6.18
CA SER A 947 67.29 -49.27 7.42
C SER A 947 68.04 -47.97 7.16
N TYR A 948 67.40 -46.85 7.48
CA TYR A 948 68.03 -45.54 7.38
C TYR A 948 68.37 -45.05 8.77
N ARG A 949 69.62 -44.61 8.96
CA ARG A 949 70.11 -44.15 10.25
C ARG A 949 70.24 -42.64 10.23
N ALA A 950 69.69 -41.99 11.26
CA ALA A 950 69.76 -40.54 11.41
C ALA A 950 70.96 -40.10 12.23
N SER A 951 71.79 -41.04 12.68
CA SER A 951 72.99 -40.73 13.43
C SER A 951 74.27 -41.24 12.80
N GLU A 952 74.18 -42.13 11.80
CA GLU A 952 75.37 -42.65 11.13
C GLU A 952 75.38 -42.42 9.63
N GLN A 953 74.31 -41.87 9.06
CA GLN A 953 74.20 -41.41 7.67
C GLN A 953 74.21 -42.57 6.66
N LYS A 954 74.43 -43.80 7.11
CA LYS A 954 74.60 -44.96 6.24
C LYS A 954 73.27 -45.68 6.08
N LEU A 955 72.86 -45.89 4.84
CA LEU A 955 71.69 -46.71 4.52
C LEU A 955 72.12 -48.17 4.45
N ARG A 956 71.47 -49.03 5.22
CA ARG A 956 71.83 -50.44 5.29
C ARG A 956 70.76 -51.26 4.57
N VAL A 957 71.17 -52.02 3.56
CA VAL A 957 70.27 -52.85 2.76
C VAL A 957 70.75 -54.29 2.84
N GLU A 958 69.87 -55.19 3.25
CA GLU A 958 70.16 -56.63 3.32
C GLU A 958 69.23 -57.34 2.33
N LEU A 959 69.79 -57.86 1.25
CA LEU A 959 69.00 -58.59 0.26
C LEU A 959 69.10 -60.08 0.58
N LEU A 960 67.95 -60.72 0.81
CA LEU A 960 67.97 -62.14 1.17
C LEU A 960 67.71 -63.02 -0.03
N SER A 961 66.54 -62.87 -0.65
CA SER A 961 66.10 -63.82 -1.65
C SER A 961 65.05 -63.18 -2.54
N ALA A 962 64.96 -63.69 -3.77
CA ALA A 962 63.91 -63.33 -4.70
C ALA A 962 63.05 -64.57 -4.97
N SER A 963 61.73 -64.38 -4.93
CA SER A 963 60.81 -65.52 -4.97
C SER A 963 59.72 -65.28 -6.01
N SER A 964 59.21 -66.39 -6.55
CA SER A 964 58.15 -66.42 -7.58
C SER A 964 58.52 -65.56 -8.79
N LEU A 965 59.65 -65.91 -9.40
CA LEU A 965 60.23 -65.14 -10.48
C LEU A 965 59.83 -65.73 -11.84
N LEU A 966 60.41 -65.16 -12.89
CA LEU A 966 60.29 -65.65 -14.24
C LEU A 966 61.70 -65.79 -14.84
N PRO A 967 61.92 -66.70 -15.79
CA PRO A 967 63.25 -66.82 -16.42
C PRO A 967 63.67 -65.56 -17.15
N LEU A 968 64.91 -65.12 -16.95
CA LEU A 968 65.45 -63.94 -17.61
C LEU A 968 66.04 -64.26 -18.98
N ASP A 969 65.98 -65.54 -19.36
CA ASP A 969 66.41 -65.99 -20.67
C ASP A 969 65.26 -66.74 -21.33
N SER A 970 65.17 -66.64 -22.66
CA SER A 970 64.08 -67.27 -23.39
C SER A 970 64.19 -68.79 -23.38
N ASN A 971 65.38 -69.34 -23.13
CA ASN A 971 65.53 -70.79 -23.05
C ASN A 971 64.86 -71.36 -21.81
N GLY A 972 64.80 -70.58 -20.73
CA GLY A 972 64.16 -71.03 -19.51
C GLY A 972 65.08 -70.97 -18.30
N SER A 973 66.21 -70.27 -18.44
CA SER A 973 67.19 -70.17 -17.37
C SER A 973 67.08 -68.80 -16.70
N SER A 974 66.72 -68.80 -15.42
CA SER A 974 66.68 -67.55 -14.66
C SER A 974 68.09 -67.07 -14.37
N ASP A 975 68.28 -65.75 -14.44
CA ASP A 975 69.57 -65.12 -14.15
C ASP A 975 69.39 -64.00 -13.14
N PRO A 976 69.17 -64.33 -11.86
CA PRO A 976 69.02 -63.27 -10.85
C PRO A 976 70.37 -62.71 -10.44
N PHE A 977 70.68 -61.52 -10.94
CA PHE A 977 71.85 -60.75 -10.50
C PHE A 977 71.38 -59.32 -10.30
N VAL A 978 71.74 -58.72 -9.17
CA VAL A 978 71.12 -57.49 -8.70
C VAL A 978 72.14 -56.37 -8.72
N GLN A 979 71.79 -55.27 -9.38
CA GLN A 979 72.49 -53.99 -9.24
C GLN A 979 71.66 -53.15 -8.27
N LEU A 980 72.22 -52.88 -7.10
CA LEU A 980 71.53 -52.12 -6.05
C LEU A 980 71.85 -50.65 -6.23
N THR A 981 71.10 -49.99 -7.11
CA THR A 981 71.37 -48.59 -7.44
C THR A 981 70.40 -47.68 -6.71
N LEU A 982 70.84 -46.46 -6.45
CA LEU A 982 69.95 -45.39 -6.00
C LEU A 982 69.57 -44.56 -7.23
N GLU A 983 68.29 -44.47 -7.50
CA GLU A 983 67.78 -43.87 -8.72
C GLU A 983 66.78 -42.78 -8.38
N PRO A 984 66.67 -41.73 -9.23
CA PRO A 984 67.34 -41.46 -10.52
C PRO A 984 68.84 -41.18 -10.44
N ARG A 985 69.55 -41.41 -11.55
CA ARG A 985 71.01 -41.33 -11.55
C ARG A 985 71.51 -39.90 -11.37
N HIS A 986 70.82 -38.91 -11.94
CA HIS A 986 71.20 -37.52 -11.75
C HIS A 986 70.95 -37.02 -10.34
N GLU A 987 70.08 -37.68 -9.58
CA GLU A 987 69.88 -37.36 -8.17
C GLU A 987 71.02 -37.87 -7.30
N PHE A 988 71.77 -38.86 -7.76
CA PHE A 988 72.93 -39.40 -7.03
C PHE A 988 74.12 -39.41 -7.98
N PRO A 989 74.75 -38.24 -8.18
CA PRO A 989 75.78 -38.15 -9.23
C PRO A 989 77.12 -38.74 -8.85
N GLU A 990 77.45 -38.81 -7.55
CA GLU A 990 78.78 -39.26 -7.11
C GLU A 990 78.62 -40.37 -6.08
N LEU A 991 78.50 -41.60 -6.55
CA LEU A 991 78.43 -42.77 -5.68
C LEU A 991 78.73 -44.00 -6.52
N ALA A 992 79.39 -44.99 -5.90
CA ALA A 992 79.67 -46.27 -6.54
C ALA A 992 78.62 -47.29 -6.11
N ALA A 993 77.87 -47.82 -7.08
CA ALA A 993 76.78 -48.74 -6.76
C ALA A 993 77.33 -50.10 -6.33
N ARG A 994 76.55 -50.77 -5.48
CA ARG A 994 76.90 -52.09 -4.98
C ARG A 994 76.19 -53.18 -5.77
N GLU A 995 76.81 -54.35 -5.79
CA GLU A 995 76.29 -55.47 -6.58
C GLU A 995 76.45 -56.77 -5.80
N THR A 996 75.64 -57.76 -6.17
CA THR A 996 75.67 -59.07 -5.55
C THR A 996 76.28 -60.10 -6.49
N GLN A 997 76.47 -61.31 -5.97
CA GLN A 997 76.99 -62.41 -6.77
C GLN A 997 75.96 -62.89 -7.77
N LYS A 998 76.42 -63.30 -8.95
CA LYS A 998 75.52 -63.75 -10.00
C LYS A 998 74.94 -65.12 -9.67
N HIS A 999 73.72 -65.36 -10.15
CA HIS A 999 73.04 -66.63 -9.95
C HIS A 999 72.48 -67.10 -11.29
N LYS A 1000 72.48 -68.43 -11.48
CA LYS A 1000 72.01 -69.04 -12.72
C LYS A 1000 70.97 -70.10 -12.38
N LYS A 1001 69.78 -69.97 -12.99
CA LYS A 1001 68.69 -70.95 -12.94
C LYS A 1001 68.27 -71.22 -11.49
N ASP A 1002 67.71 -70.17 -10.89
CA ASP A 1002 67.22 -70.23 -9.52
C ASP A 1002 65.83 -69.60 -9.45
N LEU A 1003 64.83 -70.39 -9.07
CA LEU A 1003 63.52 -69.87 -8.74
C LEU A 1003 63.45 -69.29 -7.33
N HIS A 1004 64.48 -69.55 -6.51
CA HIS A 1004 64.59 -68.97 -5.19
C HIS A 1004 66.07 -68.80 -4.82
N PRO A 1005 66.77 -67.85 -5.43
CA PRO A 1005 68.19 -67.67 -5.12
C PRO A 1005 68.39 -67.09 -3.72
N LEU A 1006 69.54 -67.38 -3.12
CA LEU A 1006 69.87 -66.90 -1.79
C LEU A 1006 71.02 -65.91 -1.92
N PHE A 1007 70.72 -64.62 -1.71
CA PHE A 1007 71.76 -63.61 -1.69
C PHE A 1007 72.25 -63.34 -0.28
N ASP A 1008 71.37 -62.84 0.58
CA ASP A 1008 71.60 -62.61 2.01
C ASP A 1008 72.86 -61.77 2.27
N GLU A 1009 72.98 -60.68 1.52
CA GLU A 1009 74.13 -59.79 1.64
C GLU A 1009 73.71 -58.45 2.21
N THR A 1010 74.61 -57.89 3.02
CA THR A 1010 74.44 -56.59 3.67
C THR A 1010 75.34 -55.57 2.99
N PHE A 1011 74.77 -54.42 2.64
CA PHE A 1011 75.52 -53.36 1.98
C PHE A 1011 75.19 -52.01 2.59
N GLU A 1012 76.19 -51.16 2.70
CA GLU A 1012 76.03 -49.80 3.20
C GLU A 1012 76.14 -48.79 2.05
N PHE A 1013 75.35 -47.73 2.16
CA PHE A 1013 75.31 -46.69 1.14
C PHE A 1013 75.48 -45.34 1.84
N LEU A 1014 76.40 -44.52 1.33
CA LEU A 1014 76.67 -43.21 1.92
C LEU A 1014 75.87 -42.16 1.16
N VAL A 1015 74.70 -41.83 1.69
CA VAL A 1015 73.83 -40.81 1.10
C VAL A 1015 73.16 -40.02 2.22
N PRO A 1016 73.15 -38.69 2.16
CA PRO A 1016 72.44 -37.92 3.18
C PRO A 1016 70.93 -38.03 3.01
N ALA A 1017 70.21 -37.62 4.07
CA ALA A 1017 68.77 -37.77 4.09
C ALA A 1017 68.05 -36.72 3.23
N GLU A 1018 68.74 -35.62 2.88
CA GLU A 1018 68.10 -34.57 2.07
C GLU A 1018 67.71 -35.06 0.67
N PRO A 1019 68.58 -35.73 -0.10
CA PRO A 1019 68.09 -36.30 -1.37
C PRO A 1019 67.15 -37.48 -1.20
N CYS A 1020 67.22 -38.20 -0.08
CA CYS A 1020 66.37 -39.37 0.11
C CYS A 1020 64.93 -38.96 0.42
N ARG A 1021 64.74 -37.92 1.24
CA ARG A 1021 63.40 -37.47 1.57
C ARG A 1021 62.71 -36.75 0.43
N LYS A 1022 63.44 -36.37 -0.62
CA LYS A 1022 62.85 -35.72 -1.77
C LYS A 1022 62.00 -36.70 -2.57
N ALA A 1023 61.03 -36.15 -3.31
CA ALA A 1023 60.14 -36.97 -4.11
C ALA A 1023 60.88 -37.58 -5.29
N GLY A 1024 60.48 -38.82 -5.63
CA GLY A 1024 61.08 -39.54 -6.73
C GLY A 1024 62.33 -40.33 -6.39
N ALA A 1025 62.87 -40.19 -5.19
CA ALA A 1025 64.06 -40.92 -4.77
C ALA A 1025 63.66 -42.35 -4.44
N CYS A 1026 64.33 -43.31 -5.06
CA CYS A 1026 64.04 -44.73 -4.87
C CYS A 1026 65.33 -45.53 -4.91
N LEU A 1027 65.26 -46.76 -4.40
CA LEU A 1027 66.33 -47.74 -4.53
C LEU A 1027 65.88 -48.78 -5.55
N LEU A 1028 66.54 -48.78 -6.70
CA LEU A 1028 66.17 -49.65 -7.81
C LEU A 1028 67.07 -50.87 -7.80
N LEU A 1029 66.46 -52.05 -7.98
CA LEU A 1029 67.17 -53.31 -8.01
C LEU A 1029 67.13 -53.82 -9.45
N THR A 1030 68.24 -53.63 -10.18
CA THR A 1030 68.33 -54.20 -11.53
C THR A 1030 68.51 -55.71 -11.41
N VAL A 1031 67.46 -56.47 -11.72
CA VAL A 1031 67.53 -57.92 -11.66
C VAL A 1031 67.63 -58.50 -13.06
N PHE A 1047 61.34 -50.94 -7.79
CA PHE A 1047 61.96 -50.08 -6.77
C PHE A 1047 61.55 -50.52 -5.37
N LEU A 1048 61.83 -49.64 -4.41
CA LEU A 1048 61.35 -49.72 -3.05
C LEU A 1048 61.41 -48.32 -2.47
N PRO A 1049 60.54 -47.97 -1.52
CA PRO A 1049 60.49 -46.58 -1.03
C PRO A 1049 61.78 -46.15 -0.34
N LEU A 1050 62.21 -44.92 -0.63
CA LEU A 1050 63.39 -44.32 -0.03
C LEU A 1050 63.07 -43.12 0.85
N ARG A 1051 62.04 -42.34 0.51
CA ARG A 1051 61.53 -41.33 1.42
C ARG A 1051 60.60 -41.90 2.46
N GLU A 1052 60.03 -43.09 2.20
CA GLU A 1052 59.18 -43.78 3.16
C GLU A 1052 59.87 -45.03 3.74
N VAL A 1053 61.21 -45.04 3.74
CA VAL A 1053 61.99 -46.13 4.30
C VAL A 1053 61.79 -46.13 5.81
N PRO A 1054 61.81 -47.30 6.48
CA PRO A 1054 61.85 -47.30 7.96
C PRO A 1054 63.05 -46.54 8.51
N GLY A 1055 62.80 -45.67 9.48
CA GLY A 1055 63.81 -44.78 10.02
C GLY A 1055 63.76 -43.37 9.46
N LEU A 1056 62.98 -43.13 8.40
CA LEU A 1056 62.85 -41.81 7.81
C LEU A 1056 61.41 -41.44 7.49
N SER A 1057 60.46 -42.36 7.69
CA SER A 1057 59.05 -42.10 7.43
C SER A 1057 58.31 -41.59 8.66
N GLY A 1058 59.00 -40.92 9.56
CA GLY A 1058 58.40 -40.45 10.80
C GLY A 1058 58.57 -41.36 11.99
N SER A 1059 59.45 -42.36 11.89
CA SER A 1059 59.69 -43.32 12.97
C SER A 1059 61.10 -43.15 13.51
N GLU A 1060 61.42 -43.93 14.53
CA GLU A 1060 62.73 -43.89 15.15
C GLU A 1060 63.75 -44.66 14.32
N GLU A 1061 65.01 -44.60 14.73
CA GLU A 1061 66.06 -45.34 14.06
C GLU A 1061 65.85 -46.84 14.27
N PRO A 1062 65.85 -47.65 13.22
CA PRO A 1062 65.52 -49.07 13.36
C PRO A 1062 66.65 -49.85 14.02
N GLY A 1063 66.41 -50.32 15.24
CA GLY A 1063 67.34 -51.22 15.89
C GLY A 1063 67.30 -52.60 15.27
N GLU A 1064 66.12 -53.01 14.83
CA GLU A 1064 65.92 -54.24 14.06
C GLU A 1064 65.35 -53.86 12.71
N VAL A 1065 65.96 -54.35 11.64
CA VAL A 1065 65.61 -53.92 10.28
C VAL A 1065 64.36 -54.66 9.82
N PRO A 1066 63.30 -53.95 9.44
CA PRO A 1066 62.06 -54.62 9.03
C PRO A 1066 62.14 -55.23 7.63
N GLN A 1067 61.15 -56.06 7.33
CA GLN A 1067 60.98 -56.56 5.98
C GLN A 1067 60.34 -55.50 5.09
N THR A 1068 60.65 -55.58 3.80
CA THR A 1068 59.94 -54.81 2.77
C THR A 1068 59.95 -55.62 1.48
N ARG A 1069 58.76 -56.01 1.03
CA ARG A 1069 58.60 -56.86 -0.13
C ARG A 1069 57.71 -56.15 -1.14
N LEU A 1070 58.24 -55.89 -2.32
CA LEU A 1070 57.47 -55.25 -3.37
C LEU A 1070 57.61 -56.04 -4.67
N PRO A 1071 56.52 -56.23 -5.41
CA PRO A 1071 56.61 -56.93 -6.69
C PRO A 1071 57.11 -56.03 -7.80
N LEU A 1072 57.97 -56.59 -8.65
CA LEU A 1072 58.69 -55.82 -9.66
C LEU A 1072 57.76 -55.49 -10.82
N THR A 1073 57.55 -54.20 -11.08
CA THR A 1073 56.81 -53.74 -12.25
C THR A 1073 57.81 -53.50 -13.37
N TYR A 1074 57.84 -54.42 -14.31
CA TYR A 1074 58.79 -54.34 -15.42
C TYR A 1074 58.41 -53.19 -16.36
N PRO A 1075 59.40 -52.62 -17.06
CA PRO A 1075 59.08 -51.62 -18.09
C PRO A 1075 58.21 -52.21 -19.19
N ALA A 1076 57.25 -51.41 -19.66
CA ALA A 1076 56.26 -51.89 -20.60
C ALA A 1076 56.43 -51.22 -21.96
N PRO A 1077 56.22 -51.95 -23.06
CA PRO A 1077 56.21 -51.31 -24.38
C PRO A 1077 55.10 -50.29 -24.56
N ASN A 1078 53.96 -50.46 -23.89
CA ASN A 1078 52.89 -49.45 -23.88
C ASN A 1078 53.25 -48.47 -22.77
N GLY A 1079 54.02 -47.46 -23.11
CA GLY A 1079 54.47 -46.50 -22.13
C GLY A 1079 53.44 -45.44 -21.81
N ASP A 1080 53.72 -44.73 -20.74
CA ASP A 1080 52.96 -43.56 -20.30
C ASP A 1080 53.24 -42.38 -21.23
N PRO A 1081 52.33 -41.39 -21.29
CA PRO A 1081 52.60 -40.16 -22.06
C PRO A 1081 53.82 -39.33 -21.65
N ILE A 1082 54.56 -39.77 -20.64
CA ILE A 1082 55.70 -38.99 -20.16
C ILE A 1082 56.91 -39.18 -21.09
N LEU A 1083 57.06 -40.38 -21.65
CA LEU A 1083 58.29 -40.75 -22.36
C LEU A 1083 58.48 -39.93 -23.64
N GLN A 1084 57.39 -39.71 -24.40
CA GLN A 1084 57.49 -38.93 -25.62
C GLN A 1084 57.77 -37.45 -25.33
N LEU A 1085 57.53 -37.01 -24.10
CA LEU A 1085 57.91 -35.65 -23.74
C LEU A 1085 59.33 -35.55 -23.20
N LEU A 1086 59.88 -36.63 -22.63
CA LEU A 1086 61.34 -36.65 -22.48
C LEU A 1086 62.03 -36.65 -23.85
N GLU A 1087 61.50 -37.43 -24.79
CA GLU A 1087 62.18 -37.58 -26.08
C GLU A 1087 62.14 -36.33 -26.94
N GLY A 1088 61.40 -35.29 -26.55
CA GLY A 1088 61.51 -34.02 -27.21
C GLY A 1088 62.78 -33.23 -26.94
N ARG A 1089 63.45 -33.49 -25.82
CA ARG A 1089 64.71 -32.82 -25.48
C ARG A 1089 65.87 -33.71 -25.92
N LYS A 1090 66.56 -33.30 -26.99
CA LYS A 1090 67.69 -34.06 -27.51
C LYS A 1090 69.04 -33.45 -27.18
N GLY A 1091 69.06 -32.22 -26.63
CA GLY A 1091 70.32 -31.60 -26.27
C GLY A 1091 71.03 -32.31 -25.13
N ASP A 1092 70.27 -32.70 -24.10
CA ASP A 1092 70.84 -33.47 -23.01
C ASP A 1092 70.98 -34.93 -23.40
N ARG A 1093 71.99 -35.59 -22.83
CA ARG A 1093 72.28 -36.98 -23.15
C ARG A 1093 71.81 -37.96 -22.09
N GLU A 1094 71.70 -37.51 -20.83
CA GLU A 1094 71.31 -38.41 -19.75
C GLU A 1094 69.86 -38.88 -19.89
N ALA A 1095 68.96 -37.94 -20.23
CA ALA A 1095 67.56 -38.30 -20.42
C ALA A 1095 67.37 -39.21 -21.63
N GLN A 1096 68.11 -38.94 -22.71
CA GLN A 1096 68.08 -39.81 -23.87
C GLN A 1096 68.61 -41.20 -23.57
N VAL A 1097 69.68 -41.30 -22.78
CA VAL A 1097 70.20 -42.60 -22.35
C VAL A 1097 69.14 -43.34 -21.53
N PHE A 1098 68.46 -42.60 -20.63
CA PHE A 1098 67.41 -43.20 -19.81
C PHE A 1098 66.27 -43.74 -20.66
N VAL A 1099 65.80 -42.95 -21.63
CA VAL A 1099 64.64 -43.40 -22.40
C VAL A 1099 65.02 -44.53 -23.35
N ARG A 1100 66.26 -44.52 -23.87
CA ARG A 1100 66.67 -45.61 -24.76
C ARG A 1100 66.85 -46.92 -23.98
N LEU A 1101 67.46 -46.85 -22.78
CA LEU A 1101 67.57 -48.06 -21.98
C LEU A 1101 66.22 -48.53 -21.47
N ARG A 1102 65.30 -47.59 -21.23
CA ARG A 1102 63.94 -47.95 -20.83
C ARG A 1102 63.21 -48.67 -21.95
N ARG A 1103 63.34 -48.19 -23.18
CA ARG A 1103 62.72 -48.87 -24.32
C ARG A 1103 63.36 -50.25 -24.54
N HIS A 1104 64.69 -50.35 -24.40
CA HIS A 1104 65.37 -51.63 -24.57
C HIS A 1104 64.91 -52.64 -23.52
N ARG A 1105 64.82 -52.20 -22.26
CA ARG A 1105 64.39 -53.09 -21.20
C ARG A 1105 62.90 -53.43 -21.33
N ALA A 1106 62.09 -52.51 -21.88
CA ALA A 1106 60.69 -52.80 -22.10
C ALA A 1106 60.49 -53.86 -23.18
N LYS A 1107 61.23 -53.74 -24.30
CA LYS A 1107 61.15 -54.77 -25.33
C LYS A 1107 61.77 -56.08 -24.91
N GLN A 1108 62.79 -56.05 -24.04
CA GLN A 1108 63.37 -57.30 -23.56
C GLN A 1108 62.47 -57.99 -22.55
N ALA A 1109 61.76 -57.21 -21.73
CA ALA A 1109 60.84 -57.79 -20.75
C ALA A 1109 59.59 -58.34 -21.42
N SER A 1110 59.21 -57.79 -22.57
CA SER A 1110 58.10 -58.33 -23.33
C SER A 1110 58.38 -59.72 -23.89
N GLN A 1111 59.64 -60.04 -24.15
CA GLN A 1111 60.03 -61.38 -24.58
C GLN A 1111 59.91 -62.39 -23.45
N HIS A 1112 60.18 -61.97 -22.21
CA HIS A 1112 60.05 -62.82 -21.04
C HIS A 1112 58.67 -62.69 -20.38
N ALA A 1113 57.78 -61.89 -20.95
CA ALA A 1113 56.44 -61.71 -20.41
C ALA A 1113 55.58 -62.90 -20.78
N LEU A 1114 54.94 -63.50 -19.77
CA LEU A 1114 54.06 -64.64 -19.96
C LEU A 1114 52.64 -64.13 -20.15
N ARG A 1115 52.08 -64.37 -21.33
CA ARG A 1115 50.71 -63.94 -21.62
C ARG A 1115 49.72 -64.77 -20.82
N PRO A 1116 48.78 -64.14 -20.13
CA PRO A 1116 47.82 -64.90 -19.33
C PRO A 1116 46.83 -65.67 -20.18
N ALA A 1117 46.33 -66.78 -19.63
CA ALA A 1117 45.35 -67.58 -20.34
C ALA A 1117 43.99 -66.87 -20.33
N PRO A 1118 43.24 -66.92 -21.44
CA PRO A 1118 41.92 -66.28 -21.52
C PRO A 1118 40.87 -66.98 -20.65
N TYR B 40 15.35 -15.65 -29.75
CA TYR B 40 14.53 -15.76 -30.94
C TYR B 40 14.79 -14.63 -31.93
N ASP B 41 14.06 -14.65 -33.05
CA ASP B 41 14.15 -13.60 -34.05
C ASP B 41 12.83 -12.90 -34.30
N TYR B 42 11.70 -13.54 -34.03
CA TYR B 42 10.39 -12.90 -34.09
C TYR B 42 9.56 -13.43 -32.94
N LEU B 43 8.58 -12.64 -32.51
CA LEU B 43 7.70 -13.00 -31.41
C LEU B 43 6.28 -12.69 -31.88
N ILE B 44 5.48 -13.74 -32.08
CA ILE B 44 4.14 -13.60 -32.63
C ILE B 44 3.11 -14.00 -31.58
N LYS B 45 2.07 -13.19 -31.46
CA LYS B 45 1.02 -13.38 -30.45
C LYS B 45 -0.25 -13.87 -31.15
N PHE B 46 -0.41 -15.19 -31.23
CA PHE B 46 -1.65 -15.78 -31.70
C PHE B 46 -2.70 -15.74 -30.61
N LEU B 47 -3.96 -15.58 -31.01
CA LEU B 47 -5.08 -15.72 -30.10
C LEU B 47 -6.05 -16.74 -30.67
N ALA B 48 -6.07 -17.93 -30.07
CA ALA B 48 -7.03 -18.94 -30.45
C ALA B 48 -8.34 -18.59 -29.76
N LEU B 49 -9.19 -17.86 -30.47
CA LEU B 49 -10.38 -17.27 -29.89
C LEU B 49 -11.63 -17.73 -30.62
N GLY B 50 -12.66 -18.06 -29.85
CA GLY B 50 -13.87 -18.63 -30.40
C GLY B 50 -14.91 -18.77 -29.31
N ASP B 51 -15.84 -19.69 -29.52
CA ASP B 51 -16.93 -19.90 -28.58
C ASP B 51 -16.52 -20.93 -27.52
N SER B 52 -17.49 -21.37 -26.72
CA SER B 52 -17.26 -22.34 -25.65
C SER B 52 -17.78 -23.69 -26.11
N GLY B 53 -16.99 -24.73 -25.89
CA GLY B 53 -17.33 -26.06 -26.39
C GLY B 53 -16.66 -26.32 -27.72
N VAL B 54 -16.12 -25.25 -28.32
CA VAL B 54 -15.37 -25.37 -29.56
C VAL B 54 -14.08 -26.14 -29.34
N GLY B 55 -13.37 -25.83 -28.26
CA GLY B 55 -12.15 -26.53 -27.93
C GLY B 55 -10.89 -25.95 -28.51
N LYS B 56 -10.62 -24.68 -28.23
CA LYS B 56 -9.36 -24.07 -28.64
C LYS B 56 -8.21 -24.56 -27.77
N THR B 57 -8.51 -24.95 -26.53
CA THR B 57 -7.50 -25.50 -25.63
C THR B 57 -6.91 -26.79 -26.18
N SER B 58 -7.78 -27.66 -26.72
CA SER B 58 -7.31 -28.90 -27.32
C SER B 58 -6.48 -28.63 -28.57
N VAL B 59 -6.82 -27.61 -29.34
CA VAL B 59 -6.06 -27.26 -30.53
C VAL B 59 -4.67 -26.78 -30.15
N LEU B 60 -4.55 -25.90 -29.16
CA LEU B 60 -3.23 -25.43 -28.77
C LEU B 60 -2.45 -26.53 -28.05
N TYR B 61 -3.14 -27.44 -27.37
CA TYR B 61 -2.48 -28.59 -26.77
C TYR B 61 -1.88 -29.51 -27.84
N GLN B 62 -2.64 -29.76 -28.90
CA GLN B 62 -2.17 -30.63 -29.96
C GLN B 62 -1.20 -29.95 -30.91
N TYR B 63 -1.09 -28.61 -30.85
CA TYR B 63 -0.01 -27.96 -31.58
C TYR B 63 1.28 -27.93 -30.76
N THR B 64 1.16 -27.66 -29.45
CA THR B 64 2.35 -27.60 -28.61
C THR B 64 2.98 -28.98 -28.39
N ASP B 65 2.16 -30.02 -28.29
CA ASP B 65 2.67 -31.38 -28.10
C ASP B 65 1.69 -32.34 -28.77
N GLY B 66 1.80 -33.62 -28.43
CA GLY B 66 0.90 -34.61 -29.02
C GLY B 66 -0.18 -35.10 -28.08
N LYS B 67 -0.19 -34.58 -26.85
CA LYS B 67 -1.11 -35.06 -25.83
C LYS B 67 -2.50 -34.45 -26.06
N PHE B 68 -3.54 -35.26 -25.90
CA PHE B 68 -4.91 -34.83 -26.10
C PHE B 68 -5.75 -35.39 -24.96
N ASN B 69 -6.76 -34.62 -24.56
CA ASN B 69 -7.63 -35.02 -23.46
C ASN B 69 -9.03 -35.29 -24.00
N SER B 70 -9.67 -36.32 -23.47
CA SER B 70 -11.01 -36.68 -23.91
C SER B 70 -12.02 -35.61 -23.50
N LYS B 71 -11.93 -35.12 -22.27
CA LYS B 71 -12.82 -34.09 -21.76
C LYS B 71 -12.00 -33.01 -21.08
N PHE B 72 -12.35 -31.76 -21.36
CA PHE B 72 -11.70 -30.60 -20.75
C PHE B 72 -12.72 -29.72 -20.05
N ILE B 73 -12.29 -29.12 -18.95
CA ILE B 73 -13.10 -28.09 -18.29
C ILE B 73 -13.02 -26.82 -19.11
N THR B 74 -14.02 -25.95 -18.94
CA THR B 74 -14.05 -24.68 -19.66
C THR B 74 -12.89 -23.80 -19.20
N THR B 75 -12.29 -23.08 -20.15
CA THR B 75 -11.15 -22.24 -19.83
C THR B 75 -11.58 -21.04 -18.99
N VAL B 76 -10.93 -20.87 -17.84
CA VAL B 76 -11.23 -19.80 -16.91
C VAL B 76 -10.12 -18.76 -17.01
N GLY B 77 -10.52 -17.51 -17.19
CA GLY B 77 -9.54 -16.49 -17.54
C GLY B 77 -9.06 -16.77 -18.95
N ILE B 78 -7.75 -16.57 -19.17
CA ILE B 78 -7.13 -16.95 -20.43
C ILE B 78 -5.87 -17.77 -20.12
N ASP B 79 -5.50 -18.64 -21.05
CA ASP B 79 -4.28 -19.44 -20.91
C ASP B 79 -3.16 -18.78 -21.71
N PHE B 80 -2.00 -19.43 -21.75
CA PHE B 80 -0.84 -18.85 -22.41
C PHE B 80 0.09 -20.00 -22.80
N ARG B 81 0.06 -20.38 -24.07
CA ARG B 81 0.96 -21.42 -24.56
C ARG B 81 2.20 -20.77 -25.19
N GLU B 82 3.29 -21.53 -25.23
CA GLU B 82 4.53 -21.02 -25.78
C GLU B 82 5.13 -22.08 -26.71
N LYS B 83 5.65 -21.62 -27.85
CA LYS B 83 6.24 -22.55 -28.80
C LYS B 83 7.45 -21.89 -29.46
N ARG B 84 8.60 -22.55 -29.38
CA ARG B 84 9.83 -22.04 -29.99
C ARG B 84 10.08 -22.69 -31.35
N VAL B 85 9.28 -22.30 -32.35
CA VAL B 85 9.49 -22.90 -33.67
C VAL B 85 10.60 -22.17 -34.40
N VAL B 86 11.08 -22.77 -35.48
CA VAL B 86 12.06 -22.15 -36.36
C VAL B 86 11.59 -22.34 -37.81
N TYR B 87 10.84 -21.36 -38.30
CA TYR B 87 10.11 -21.51 -39.55
C TYR B 87 10.33 -20.40 -40.55
N ARG B 88 10.38 -19.14 -40.06
CA ARG B 88 10.43 -17.80 -40.67
C ARG B 88 9.16 -17.44 -41.44
N ALA B 89 8.44 -18.43 -41.96
CA ALA B 89 6.99 -18.46 -42.08
C ALA B 89 6.58 -19.90 -41.87
N SER B 90 7.41 -20.77 -42.45
CA SER B 90 7.28 -22.22 -42.53
C SER B 90 8.56 -22.71 -43.17
N GLY B 91 8.95 -23.95 -42.86
CA GLY B 91 10.28 -24.48 -43.10
C GLY B 91 10.88 -24.23 -44.48
N PRO B 92 12.19 -23.95 -44.51
CA PRO B 92 12.84 -23.55 -45.78
C PRO B 92 12.85 -24.63 -46.86
N ASP B 93 12.66 -25.90 -46.50
CA ASP B 93 12.45 -26.94 -47.51
C ASP B 93 10.99 -27.07 -47.91
N GLY B 94 10.13 -26.17 -47.42
CA GLY B 94 8.71 -26.22 -47.64
C GLY B 94 7.89 -26.51 -46.39
N ALA B 95 8.34 -27.47 -45.57
CA ALA B 95 7.68 -27.73 -44.30
C ALA B 95 8.63 -28.11 -43.17
N THR B 96 9.94 -28.13 -43.40
CA THR B 96 10.89 -28.61 -42.39
C THR B 96 12.28 -28.03 -42.62
N GLY B 97 12.86 -27.41 -41.60
CA GLY B 97 14.21 -26.90 -41.70
C GLY B 97 14.42 -25.77 -40.71
N ARG B 98 15.45 -24.95 -40.98
CA ARG B 98 15.85 -23.85 -40.11
C ARG B 98 15.64 -22.54 -40.87
N GLY B 99 14.64 -21.78 -40.44
CA GLY B 99 14.39 -20.46 -40.99
C GLY B 99 14.78 -19.35 -40.03
N GLN B 100 13.79 -18.78 -39.35
CA GLN B 100 14.01 -17.79 -38.31
C GLN B 100 13.26 -18.24 -37.06
N ARG B 101 13.85 -17.97 -35.90
CA ARG B 101 13.27 -18.45 -34.65
C ARG B 101 12.03 -17.64 -34.30
N ILE B 102 10.88 -18.29 -34.31
CA ILE B 102 9.60 -17.67 -34.01
C ILE B 102 9.21 -18.15 -32.61
N HIS B 103 9.16 -17.22 -31.66
CA HIS B 103 8.55 -17.48 -30.36
C HIS B 103 7.08 -17.15 -30.48
N LEU B 104 6.25 -18.19 -30.45
CA LEU B 104 4.82 -18.01 -30.51
C LEU B 104 4.24 -18.01 -29.10
N GLN B 105 3.66 -16.89 -28.70
CA GLN B 105 2.65 -16.91 -27.65
C GLN B 105 1.34 -17.34 -28.29
N LEU B 106 0.66 -18.27 -27.65
CA LEU B 106 -0.60 -18.82 -28.17
C LEU B 106 -1.63 -18.66 -27.06
N TRP B 107 -2.31 -17.53 -27.03
CA TRP B 107 -3.27 -17.25 -25.97
C TRP B 107 -4.57 -18.00 -26.24
N ASP B 108 -4.90 -18.92 -25.33
CA ASP B 108 -6.20 -19.61 -25.34
C ASP B 108 -7.18 -18.74 -24.56
N THR B 109 -7.83 -17.83 -25.27
CA THR B 109 -8.81 -16.97 -24.64
C THR B 109 -10.07 -17.76 -24.31
N ALA B 110 -10.85 -17.24 -23.37
CA ALA B 110 -12.09 -17.89 -22.97
C ALA B 110 -13.16 -17.69 -24.04
N GLY B 111 -14.14 -18.59 -24.05
CA GLY B 111 -15.25 -18.48 -24.96
C GLY B 111 -16.52 -18.08 -24.25
N GLN B 112 -16.48 -18.09 -22.92
CA GLN B 112 -17.62 -17.64 -22.13
C GLN B 112 -17.79 -16.14 -22.26
N GLU B 113 -19.04 -15.68 -22.20
CA GLU B 113 -19.34 -14.27 -22.43
C GLU B 113 -18.83 -13.40 -21.29
N ARG B 114 -18.57 -13.99 -20.12
CA ARG B 114 -18.07 -13.22 -18.98
C ARG B 114 -16.65 -12.72 -19.21
N PHE B 115 -15.89 -13.39 -20.08
CA PHE B 115 -14.53 -12.98 -20.42
C PHE B 115 -14.39 -12.63 -21.90
N ARG B 116 -15.36 -11.91 -22.44
CA ARG B 116 -15.27 -11.42 -23.81
C ARG B 116 -15.03 -9.92 -23.86
N SER B 117 -15.62 -9.17 -22.94
CA SER B 117 -15.48 -7.72 -22.92
C SER B 117 -14.06 -7.29 -22.56
N LEU B 118 -13.52 -7.87 -21.48
CA LEU B 118 -12.20 -7.48 -21.01
C LEU B 118 -11.11 -8.03 -21.91
N THR B 119 -11.38 -9.16 -22.59
CA THR B 119 -10.41 -9.82 -23.45
C THR B 119 -10.11 -8.99 -24.69
N THR B 120 -10.97 -8.01 -24.98
CA THR B 120 -10.73 -7.07 -26.08
C THR B 120 -9.51 -6.20 -25.84
N ALA B 121 -9.06 -6.12 -24.59
CA ALA B 121 -7.81 -5.44 -24.28
C ALA B 121 -6.61 -6.23 -24.80
N PHE B 122 -6.74 -7.56 -24.92
CA PHE B 122 -5.66 -8.38 -25.44
C PHE B 122 -5.62 -8.37 -26.96
N PHE B 123 -6.62 -7.78 -27.61
CA PHE B 123 -6.66 -7.70 -29.07
C PHE B 123 -5.77 -6.55 -29.54
N ARG B 124 -5.24 -5.76 -28.60
CA ARG B 124 -4.57 -4.51 -28.94
C ARG B 124 -3.32 -4.74 -29.77
N ASP B 125 -2.46 -5.65 -29.34
CA ASP B 125 -1.37 -6.14 -30.18
C ASP B 125 -1.53 -7.65 -30.25
N ALA B 126 -2.38 -8.10 -31.15
CA ALA B 126 -2.66 -9.53 -31.36
C ALA B 126 -2.52 -9.80 -32.85
N MET B 127 -1.28 -10.06 -33.28
CA MET B 127 -1.02 -10.38 -34.67
C MET B 127 -1.58 -11.76 -34.99
N GLY B 128 -2.66 -11.82 -35.76
CA GLY B 128 -3.24 -13.08 -36.13
C GLY B 128 -4.22 -13.61 -35.12
N PHE B 129 -5.34 -14.16 -35.59
CA PHE B 129 -6.40 -14.68 -34.73
C PHE B 129 -6.79 -16.04 -35.26
N LEU B 130 -6.97 -17.01 -34.37
CA LEU B 130 -7.40 -18.34 -34.77
C LEU B 130 -8.88 -18.48 -34.49
N LEU B 131 -9.74 -18.09 -35.44
CA LEU B 131 -11.14 -18.47 -35.33
C LEU B 131 -11.33 -19.96 -35.50
N LEU B 132 -11.66 -20.61 -34.39
CA LEU B 132 -12.02 -22.03 -34.35
C LEU B 132 -13.52 -22.14 -34.14
N PHE B 133 -14.17 -22.94 -34.97
CA PHE B 133 -15.54 -23.34 -34.73
C PHE B 133 -15.59 -24.86 -34.81
N ASP B 134 -16.74 -25.43 -34.49
CA ASP B 134 -16.92 -26.88 -34.50
C ASP B 134 -17.94 -27.21 -35.59
N LEU B 135 -17.68 -28.26 -36.35
CA LEU B 135 -18.60 -28.70 -37.39
C LEU B 135 -19.77 -29.45 -36.77
N THR B 136 -19.66 -29.79 -35.50
CA THR B 136 -20.70 -30.50 -34.76
C THR B 136 -21.92 -29.62 -34.48
N ASN B 137 -21.71 -28.32 -34.24
CA ASN B 137 -22.80 -27.42 -33.91
C ASN B 137 -22.81 -26.27 -34.91
N GLU B 138 -24.00 -25.75 -35.23
CA GLU B 138 -24.11 -24.71 -36.24
C GLU B 138 -24.08 -23.31 -35.62
N GLN B 139 -24.34 -23.22 -34.32
CA GLN B 139 -24.31 -21.91 -33.65
C GLN B 139 -22.91 -21.33 -33.69
N SER B 140 -21.89 -22.18 -33.57
CA SER B 140 -20.51 -21.74 -33.75
C SER B 140 -20.27 -21.25 -35.17
N PHE B 141 -20.97 -21.82 -36.15
CA PHE B 141 -20.83 -21.36 -37.53
C PHE B 141 -21.44 -19.96 -37.69
N LEU B 142 -22.67 -19.74 -37.20
CA LEU B 142 -23.28 -18.43 -37.36
C LEU B 142 -22.57 -17.37 -36.53
N ASN B 143 -21.91 -17.77 -35.44
CA ASN B 143 -21.21 -16.77 -34.63
C ASN B 143 -19.89 -16.34 -35.23
N VAL B 144 -19.45 -16.99 -36.31
CA VAL B 144 -18.19 -16.63 -36.96
C VAL B 144 -18.23 -15.20 -37.51
N ARG B 145 -19.36 -14.84 -38.15
CA ARG B 145 -19.50 -13.50 -38.72
C ARG B 145 -19.49 -12.43 -37.62
N ASN B 146 -20.16 -12.72 -36.50
CA ASN B 146 -20.15 -11.80 -35.36
C ASN B 146 -18.74 -11.69 -34.80
N TRP B 147 -18.01 -12.81 -34.78
CA TRP B 147 -16.64 -12.79 -34.26
C TRP B 147 -15.73 -11.94 -35.14
N ILE B 148 -15.85 -12.07 -36.47
CA ILE B 148 -15.06 -11.22 -37.36
C ILE B 148 -15.45 -9.75 -37.20
N SER B 149 -16.75 -9.48 -37.05
CA SER B 149 -17.22 -8.11 -36.87
C SER B 149 -16.64 -7.49 -35.60
N GLN B 150 -16.51 -8.30 -34.55
CA GLN B 150 -15.84 -7.84 -33.34
C GLN B 150 -14.33 -7.69 -33.54
N LEU B 151 -13.72 -8.51 -34.40
CA LEU B 151 -12.27 -8.48 -34.54
C LEU B 151 -11.77 -7.31 -35.38
N GLN B 152 -12.51 -6.91 -36.42
CA GLN B 152 -12.02 -5.86 -37.31
C GLN B 152 -11.97 -4.49 -36.63
N MET B 153 -12.75 -4.28 -35.57
CA MET B 153 -12.67 -3.03 -34.82
C MET B 153 -11.59 -3.05 -33.74
N HIS B 154 -11.00 -4.22 -33.47
CA HIS B 154 -9.96 -4.35 -32.45
C HIS B 154 -8.66 -4.90 -33.00
N ALA B 155 -8.44 -4.80 -34.31
CA ALA B 155 -7.27 -5.37 -34.95
C ALA B 155 -6.02 -4.52 -34.68
N TYR B 156 -4.86 -5.19 -34.64
CA TYR B 156 -3.59 -4.53 -34.41
C TYR B 156 -3.18 -3.67 -35.60
N CYS B 157 -3.00 -4.30 -36.76
CA CYS B 157 -2.64 -3.59 -37.98
C CYS B 157 -3.90 -3.11 -38.69
N GLU B 158 -3.77 -2.74 -39.96
CA GLU B 158 -4.88 -2.18 -40.72
C GLU B 158 -5.98 -3.20 -41.01
N ASN B 159 -5.67 -4.50 -40.94
CA ASN B 159 -6.68 -5.50 -41.21
C ASN B 159 -6.33 -6.76 -40.43
N PRO B 160 -7.29 -7.39 -39.75
CA PRO B 160 -6.99 -8.58 -38.94
C PRO B 160 -6.62 -9.79 -39.79
N ASP B 161 -5.83 -10.69 -39.20
CA ASP B 161 -5.43 -11.93 -39.84
C ASP B 161 -6.25 -13.08 -39.28
N ILE B 162 -6.92 -13.81 -40.17
CA ILE B 162 -7.83 -14.88 -39.79
C ILE B 162 -7.52 -16.14 -40.60
N VAL B 163 -7.47 -17.26 -39.89
CA VAL B 163 -7.56 -18.59 -40.48
C VAL B 163 -8.69 -19.33 -39.79
N LEU B 164 -9.69 -19.76 -40.55
CA LEU B 164 -10.89 -20.37 -39.99
C LEU B 164 -10.71 -21.88 -40.03
N CYS B 165 -10.73 -22.51 -38.86
CA CYS B 165 -10.47 -23.93 -38.75
C CYS B 165 -11.74 -24.63 -38.26
N GLY B 166 -12.26 -25.53 -39.09
CA GLY B 166 -13.43 -26.32 -38.73
C GLY B 166 -13.04 -27.57 -37.97
N ASN B 167 -12.72 -27.43 -36.69
CA ASN B 167 -12.17 -28.52 -35.90
C ASN B 167 -13.18 -29.65 -35.71
N LYS B 168 -12.70 -30.76 -35.15
CA LYS B 168 -13.44 -32.01 -34.95
C LYS B 168 -14.01 -32.51 -36.27
N SER B 169 -13.14 -32.59 -37.28
CA SER B 169 -13.50 -33.03 -38.62
C SER B 169 -13.34 -34.53 -38.81
N ASP B 170 -12.84 -35.25 -37.80
CA ASP B 170 -12.75 -36.70 -37.86
C ASP B 170 -14.00 -37.39 -37.32
N LEU B 171 -14.67 -36.79 -36.35
CA LEU B 171 -15.93 -37.32 -35.85
C LEU B 171 -17.03 -37.04 -36.87
N GLU B 172 -17.31 -38.02 -37.72
CA GLU B 172 -18.20 -37.83 -38.86
C GLU B 172 -19.66 -38.09 -38.54
N ASP B 173 -19.97 -38.57 -37.33
CA ASP B 173 -21.35 -38.88 -36.99
C ASP B 173 -22.19 -37.64 -36.72
N GLN B 174 -21.58 -36.59 -36.16
CA GLN B 174 -22.32 -35.38 -35.80
C GLN B 174 -21.96 -34.17 -36.66
N ARG B 175 -21.31 -34.38 -37.81
CA ARG B 175 -20.93 -33.27 -38.67
C ARG B 175 -22.16 -32.72 -39.38
N VAL B 176 -22.56 -31.50 -39.03
CA VAL B 176 -23.77 -30.89 -39.59
C VAL B 176 -23.40 -29.63 -40.37
N VAL B 177 -22.11 -29.44 -40.62
CA VAL B 177 -21.61 -28.28 -41.33
C VAL B 177 -20.98 -28.77 -42.63
N LYS B 178 -21.47 -28.26 -43.76
CA LYS B 178 -20.97 -28.70 -45.06
C LYS B 178 -19.73 -27.91 -45.43
N GLU B 179 -18.90 -28.52 -46.28
CA GLU B 179 -17.70 -27.86 -46.80
C GLU B 179 -18.04 -26.65 -47.65
N GLU B 180 -19.13 -26.72 -48.42
CA GLU B 180 -19.49 -25.66 -49.37
C GLU B 180 -19.85 -24.36 -48.64
N GLU B 181 -20.64 -24.45 -47.57
CA GLU B 181 -20.99 -23.25 -46.81
C GLU B 181 -19.77 -22.64 -46.14
N ALA B 182 -18.88 -23.49 -45.61
CA ALA B 182 -17.66 -23.00 -44.97
C ALA B 182 -16.75 -22.30 -45.96
N ILE B 183 -16.58 -22.87 -47.16
CA ILE B 183 -15.75 -22.22 -48.17
C ILE B 183 -16.44 -20.98 -48.72
N ALA B 184 -17.78 -20.94 -48.67
CA ALA B 184 -18.50 -19.74 -49.08
C ALA B 184 -18.26 -18.59 -48.10
N LEU B 185 -18.33 -18.89 -46.80
CA LEU B 185 -18.02 -17.88 -45.80
C LEU B 185 -16.55 -17.49 -45.83
N ALA B 186 -15.67 -18.43 -46.21
CA ALA B 186 -14.26 -18.11 -46.36
C ALA B 186 -14.03 -17.16 -47.52
N GLU B 187 -14.67 -17.42 -48.67
CA GLU B 187 -14.43 -16.60 -49.85
C GLU B 187 -15.16 -15.26 -49.76
N LYS B 188 -16.26 -15.20 -49.02
CA LYS B 188 -16.96 -13.92 -48.83
C LYS B 188 -16.13 -12.98 -47.96
N TYR B 189 -15.49 -13.50 -46.93
CA TYR B 189 -14.65 -12.71 -46.04
C TYR B 189 -13.17 -12.74 -46.41
N GLY B 190 -12.78 -13.52 -47.43
CA GLY B 190 -11.41 -13.56 -47.88
C GLY B 190 -10.47 -14.34 -47.00
N ILE B 191 -10.96 -15.06 -46.00
CA ILE B 191 -10.10 -15.70 -45.01
C ILE B 191 -9.76 -17.12 -45.48
N PRO B 192 -8.57 -17.62 -45.19
CA PRO B 192 -8.27 -19.03 -45.48
C PRO B 192 -9.00 -19.98 -44.54
N TYR B 193 -9.16 -21.24 -44.97
CA TYR B 193 -9.98 -22.20 -44.24
C TYR B 193 -9.24 -23.52 -44.16
N PHE B 194 -9.53 -24.27 -43.10
CA PHE B 194 -8.98 -25.61 -42.89
C PHE B 194 -10.01 -26.48 -42.21
N GLU B 195 -9.81 -27.80 -42.31
CA GLU B 195 -10.65 -28.78 -41.63
C GLU B 195 -9.85 -29.63 -40.66
N THR B 196 -9.05 -28.98 -39.81
CA THR B 196 -8.21 -29.64 -38.83
C THR B 196 -9.00 -30.42 -37.80
N SER B 197 -8.31 -31.16 -36.94
CA SER B 197 -8.95 -31.82 -35.80
C SER B 197 -7.90 -32.08 -34.73
N ALA B 198 -8.35 -32.08 -33.48
CA ALA B 198 -7.46 -32.31 -32.35
C ALA B 198 -7.50 -33.74 -31.83
N ALA B 199 -8.54 -34.50 -32.15
CA ALA B 199 -8.62 -35.89 -31.71
C ALA B 199 -7.59 -36.76 -32.40
N ASN B 200 -7.16 -36.40 -33.61
CA ASN B 200 -6.09 -37.08 -34.31
C ASN B 200 -4.86 -36.22 -34.54
N GLY B 201 -4.95 -34.91 -34.35
CA GLY B 201 -3.81 -34.02 -34.53
C GLY B 201 -3.53 -33.63 -35.96
N THR B 202 -4.35 -34.05 -36.90
CA THR B 202 -4.09 -33.76 -38.31
C THR B 202 -4.45 -32.33 -38.65
N ASN B 203 -3.60 -31.68 -39.46
CA ASN B 203 -3.80 -30.43 -40.17
C ASN B 203 -3.77 -29.19 -39.26
N ILE B 204 -3.69 -29.35 -37.94
CA ILE B 204 -3.57 -28.19 -37.04
C ILE B 204 -2.26 -27.46 -37.30
N SER B 205 -1.17 -28.22 -37.43
CA SER B 205 0.15 -27.65 -37.66
C SER B 205 0.21 -26.89 -38.98
N GLN B 206 -0.37 -27.45 -40.04
CA GLN B 206 -0.38 -26.76 -41.33
C GLN B 206 -1.20 -25.48 -41.30
N ALA B 207 -2.34 -25.50 -40.59
CA ALA B 207 -3.17 -24.32 -40.47
C ALA B 207 -2.44 -23.20 -39.73
N ILE B 208 -1.84 -23.52 -38.60
CA ILE B 208 -1.09 -22.52 -37.85
C ILE B 208 0.15 -22.05 -38.60
N GLU B 209 0.81 -22.94 -39.34
CA GLU B 209 1.97 -22.56 -40.16
C GLU B 209 1.57 -21.59 -41.27
N MET B 210 0.45 -21.83 -41.95
CA MET B 210 0.10 -20.92 -43.04
C MET B 210 -0.47 -19.61 -42.48
N LEU B 211 -1.04 -19.64 -41.27
CA LEU B 211 -1.43 -18.39 -40.63
C LEU B 211 -0.21 -17.55 -40.26
N LEU B 212 0.82 -18.20 -39.73
CA LEU B 212 2.09 -17.53 -39.46
C LEU B 212 2.69 -16.99 -40.75
N ASP B 213 2.54 -17.75 -41.84
CA ASP B 213 2.93 -17.29 -43.17
C ASP B 213 2.15 -16.04 -43.57
N LEU B 214 0.84 -16.01 -43.31
CA LEU B 214 0.01 -14.85 -43.63
C LEU B 214 0.46 -13.62 -42.87
N ILE B 215 0.85 -13.82 -41.61
CA ILE B 215 1.38 -12.71 -40.82
C ILE B 215 2.70 -12.23 -41.42
N MET B 216 3.50 -13.14 -41.95
CA MET B 216 4.71 -12.73 -42.66
C MET B 216 4.41 -11.93 -43.92
N LYS B 217 3.40 -12.35 -44.71
CA LYS B 217 3.01 -11.55 -45.88
C LYS B 217 2.48 -10.18 -45.47
N ARG B 218 1.81 -10.10 -44.32
CA ARG B 218 1.35 -8.80 -43.85
C ARG B 218 2.48 -7.90 -43.36
N MET B 219 3.50 -8.46 -42.70
CA MET B 219 4.65 -7.62 -42.35
C MET B 219 5.44 -7.19 -43.58
N GLU B 220 5.62 -8.07 -44.56
CA GLU B 220 6.22 -7.64 -45.81
C GLU B 220 5.30 -6.74 -46.64
N ARG B 221 4.02 -6.67 -46.29
CA ARG B 221 3.09 -5.71 -46.89
C ARG B 221 3.09 -4.38 -46.14
N CYS B 222 3.23 -4.43 -44.80
CA CYS B 222 3.21 -3.21 -44.00
C CYS B 222 4.45 -2.35 -44.20
N VAL B 223 5.59 -2.93 -44.58
CA VAL B 223 6.78 -2.14 -44.86
C VAL B 223 7.16 -2.25 -46.33
#